data_1KOZ
#
_entry.id   1KOZ
#
_cell.length_a   1.000
_cell.length_b   1.000
_cell.length_c   1.000
_cell.angle_alpha   90.00
_cell.angle_beta   90.00
_cell.angle_gamma   90.00
#
_symmetry.space_group_name_H-M   'P 1'
#
_entity_poly.entity_id   1
_entity_poly.type   'polypeptide(L)'
_entity_poly.pdbx_seq_one_letter_code
;DCVRFWGKCSQTSDCCPHLACKSKWPRNICVWDGSV
;
_entity_poly.pdbx_strand_id   A
#
# COMPACT_ATOMS: atom_id res chain seq x y z
N ASP A 1 9.23 -5.07 8.21
CA ASP A 1 8.70 -3.74 8.60
C ASP A 1 7.42 -3.43 7.80
N CYS A 2 6.29 -3.85 8.28
CA CYS A 2 5.02 -3.57 7.54
C CYS A 2 4.94 -2.09 7.17
N VAL A 3 3.97 -1.71 6.40
CA VAL A 3 3.83 -0.28 6.02
C VAL A 3 2.37 0.15 6.15
N ARG A 4 2.13 1.39 6.46
CA ARG A 4 0.73 1.87 6.61
C ARG A 4 0.29 2.67 5.38
N PHE A 5 -0.83 3.33 5.48
CA PHE A 5 -1.36 4.13 4.34
C PHE A 5 -0.24 4.91 3.64
N TRP A 6 -0.19 4.85 2.34
CA TRP A 6 0.85 5.61 1.58
C TRP A 6 2.25 5.20 2.02
N GLY A 7 2.72 4.10 1.50
CA GLY A 7 4.08 3.62 1.85
C GLY A 7 4.68 2.92 0.62
N LYS A 8 5.82 3.37 0.18
CA LYS A 8 6.47 2.76 -1.01
C LYS A 8 6.24 1.25 -1.04
N CYS A 9 5.60 0.77 -2.06
CA CYS A 9 5.30 -0.69 -2.17
C CYS A 9 5.48 -1.15 -3.63
N SER A 10 5.74 -2.39 -3.85
CA SER A 10 5.92 -2.89 -5.24
C SER A 10 4.71 -3.72 -5.66
N GLN A 11 4.40 -4.76 -4.94
CA GLN A 11 3.23 -5.60 -5.31
C GLN A 11 3.01 -6.69 -4.25
N THR A 12 4.07 -7.26 -3.76
CA THR A 12 3.93 -8.34 -2.73
C THR A 12 5.03 -8.22 -1.68
N SER A 13 4.73 -8.49 -0.44
CA SER A 13 5.77 -8.41 0.62
C SER A 13 6.21 -6.96 0.82
N ASP A 14 5.29 -6.09 1.11
CA ASP A 14 5.65 -4.65 1.33
C ASP A 14 4.89 -4.10 2.53
N CYS A 15 3.72 -3.56 2.30
CA CYS A 15 2.92 -3.01 3.44
C CYS A 15 2.19 -4.15 4.14
N CYS A 16 1.35 -3.84 5.10
CA CYS A 16 0.63 -4.92 5.82
C CYS A 16 -0.56 -5.43 4.99
N PRO A 17 -0.99 -6.63 5.30
CA PRO A 17 -2.12 -7.26 4.57
C PRO A 17 -3.39 -6.42 4.67
N HIS A 18 -3.39 -5.45 5.54
CA HIS A 18 -4.63 -4.62 5.69
C HIS A 18 -4.65 -3.50 4.65
N LEU A 19 -3.79 -3.58 3.66
CA LEU A 19 -3.76 -2.52 2.61
C LEU A 19 -3.45 -3.15 1.25
N ALA A 20 -3.38 -2.36 0.22
CA ALA A 20 -3.05 -2.90 -1.13
C ALA A 20 -1.95 -2.06 -1.76
N CYS A 21 -1.42 -2.49 -2.87
CA CYS A 21 -0.32 -1.70 -3.51
C CYS A 21 -0.86 -0.88 -4.69
N LYS A 22 -1.77 0.02 -4.44
CA LYS A 22 -2.32 0.86 -5.54
C LYS A 22 -2.56 2.28 -5.02
N SER A 23 -1.78 3.23 -5.47
CA SER A 23 -1.96 4.63 -4.99
C SER A 23 -2.73 5.46 -6.01
N LYS A 24 -3.15 6.64 -5.63
CA LYS A 24 -3.91 7.52 -6.58
C LYS A 24 -3.08 8.77 -6.87
N TRP A 25 -1.79 8.67 -6.78
CA TRP A 25 -0.92 9.84 -7.06
C TRP A 25 0.56 9.42 -6.95
N PRO A 26 0.97 8.95 -5.79
CA PRO A 26 2.36 8.49 -5.61
C PRO A 26 2.70 7.42 -6.64
N ARG A 27 1.72 6.62 -7.00
CA ARG A 27 1.94 5.56 -8.01
C ARG A 27 3.16 4.72 -7.63
N ASN A 28 3.18 4.20 -6.44
CA ASN A 28 4.33 3.37 -6.00
C ASN A 28 4.26 3.15 -4.49
N ILE A 29 3.08 2.96 -3.96
CA ILE A 29 2.97 2.76 -2.48
C ILE A 29 1.83 1.82 -2.14
N CYS A 30 1.55 1.67 -0.88
CA CYS A 30 0.45 0.79 -0.44
C CYS A 30 -0.60 1.61 0.31
N VAL A 31 -1.82 1.60 -0.16
CA VAL A 31 -2.88 2.40 0.52
C VAL A 31 -3.83 1.50 1.30
N TRP A 32 -4.18 1.91 2.48
CA TRP A 32 -5.14 1.11 3.31
C TRP A 32 -6.33 0.69 2.45
N ASP A 33 -6.88 -0.48 2.70
CA ASP A 33 -8.05 -0.93 1.90
C ASP A 33 -9.34 -0.37 2.50
N GLY A 34 -9.94 0.58 1.84
CA GLY A 34 -11.20 1.17 2.36
C GLY A 34 -12.31 0.99 1.34
N SER A 35 -12.64 -0.24 1.03
CA SER A 35 -13.73 -0.47 0.04
C SER A 35 -15.09 -0.24 0.69
N VAL A 36 -15.52 0.99 0.77
CA VAL A 36 -16.83 1.28 1.39
C VAL A 36 -17.93 0.42 0.76
N ASP A 1 8.96 -5.24 8.68
CA ASP A 1 8.49 -3.87 9.01
C ASP A 1 7.27 -3.51 8.15
N CYS A 2 6.11 -3.93 8.55
CA CYS A 2 4.88 -3.61 7.76
C CYS A 2 4.83 -2.13 7.42
N VAL A 3 3.96 -1.76 6.51
CA VAL A 3 3.84 -0.32 6.14
C VAL A 3 2.38 0.12 6.26
N ARG A 4 2.16 1.37 6.52
CA ARG A 4 0.75 1.86 6.67
C ARG A 4 0.30 2.63 5.42
N PHE A 5 -0.79 3.34 5.53
CA PHE A 5 -1.31 4.11 4.38
C PHE A 5 -0.21 4.89 3.67
N TRP A 6 -0.18 4.83 2.35
CA TRP A 6 0.87 5.57 1.59
C TRP A 6 2.26 5.16 2.03
N GLY A 7 2.75 4.10 1.46
CA GLY A 7 4.11 3.61 1.80
C GLY A 7 4.70 2.95 0.56
N LYS A 8 5.83 3.41 0.11
CA LYS A 8 6.46 2.83 -1.13
C LYS A 8 6.24 1.31 -1.18
N CYS A 9 5.63 0.85 -2.23
CA CYS A 9 5.36 -0.60 -2.37
C CYS A 9 5.31 -0.97 -3.86
N SER A 10 5.46 -2.23 -4.17
CA SER A 10 5.41 -2.65 -5.61
C SER A 10 4.41 -3.79 -5.78
N GLN A 11 4.85 -5.01 -5.62
CA GLN A 11 3.92 -6.16 -5.77
C GLN A 11 4.42 -7.35 -4.95
N THR A 12 5.03 -7.09 -3.82
CA THR A 12 5.54 -8.20 -2.98
C THR A 12 5.23 -7.94 -1.50
N SER A 13 3.96 -7.87 -1.16
CA SER A 13 3.58 -7.63 0.26
C SER A 13 4.02 -6.23 0.71
N ASP A 14 5.26 -6.08 1.12
CA ASP A 14 5.73 -4.75 1.57
C ASP A 14 4.88 -4.24 2.73
N CYS A 15 3.84 -3.51 2.43
CA CYS A 15 2.95 -2.99 3.52
C CYS A 15 2.24 -4.15 4.20
N CYS A 16 1.39 -3.86 5.15
CA CYS A 16 0.66 -4.96 5.85
C CYS A 16 -0.50 -5.48 4.99
N PRO A 17 -0.92 -6.69 5.27
CA PRO A 17 -2.04 -7.31 4.52
C PRO A 17 -3.32 -6.50 4.63
N HIS A 18 -3.34 -5.53 5.51
CA HIS A 18 -4.57 -4.72 5.67
C HIS A 18 -4.56 -3.54 4.69
N LEU A 19 -3.71 -3.59 3.70
CA LEU A 19 -3.63 -2.49 2.71
C LEU A 19 -3.42 -3.07 1.30
N ALA A 20 -3.41 -2.22 0.31
CA ALA A 20 -3.19 -2.72 -1.09
C ALA A 20 -2.08 -1.91 -1.75
N CYS A 21 -1.44 -2.47 -2.74
CA CYS A 21 -0.33 -1.72 -3.41
C CYS A 21 -0.84 -1.03 -4.68
N LYS A 22 -1.49 0.09 -4.54
CA LYS A 22 -2.02 0.82 -5.73
C LYS A 22 -2.32 2.27 -5.33
N SER A 23 -1.41 3.16 -5.59
CA SER A 23 -1.63 4.59 -5.20
C SER A 23 -2.29 5.39 -6.32
N LYS A 24 -2.36 6.68 -6.14
CA LYS A 24 -2.99 7.57 -7.16
C LYS A 24 -2.25 8.91 -7.17
N TRP A 25 -1.00 8.89 -6.80
CA TRP A 25 -0.20 10.14 -6.76
C TRP A 25 1.20 9.84 -6.18
N PRO A 26 1.25 9.31 -4.98
CA PRO A 26 2.55 8.98 -4.35
C PRO A 26 3.37 8.10 -5.30
N ARG A 27 2.72 7.48 -6.25
CA ARG A 27 3.43 6.62 -7.24
C ARG A 27 4.17 5.45 -6.55
N ASN A 28 3.63 4.28 -6.68
CA ASN A 28 4.29 3.06 -6.09
C ASN A 28 4.24 3.05 -4.56
N ILE A 29 3.11 2.74 -4.00
CA ILE A 29 3.00 2.66 -2.51
C ILE A 29 1.82 1.77 -2.12
N CYS A 30 1.52 1.69 -0.87
CA CYS A 30 0.39 0.84 -0.43
C CYS A 30 -0.67 1.67 0.29
N VAL A 31 -1.86 1.74 -0.25
CA VAL A 31 -2.93 2.53 0.42
C VAL A 31 -3.90 1.61 1.13
N TRP A 32 -4.18 1.91 2.37
CA TRP A 32 -5.13 1.06 3.15
C TRP A 32 -6.32 0.66 2.26
N ASP A 33 -6.84 -0.53 2.44
CA ASP A 33 -8.00 -0.97 1.61
C ASP A 33 -9.18 -0.04 1.83
N GLY A 34 -9.80 0.41 0.76
CA GLY A 34 -10.98 1.33 0.92
C GLY A 34 -12.15 0.79 0.10
N SER A 35 -12.42 -0.48 0.20
CA SER A 35 -13.56 -1.04 -0.57
C SER A 35 -14.85 -0.96 0.26
N VAL A 36 -15.33 0.23 0.50
CA VAL A 36 -16.57 0.39 1.31
C VAL A 36 -17.72 0.88 0.42
N ASP A 1 8.53 -6.54 7.36
CA ASP A 1 8.40 -5.07 7.57
C ASP A 1 7.16 -4.53 6.85
N CYS A 2 6.05 -4.47 7.55
CA CYS A 2 4.80 -3.97 6.91
C CYS A 2 4.84 -2.44 6.82
N VAL A 3 3.85 -1.85 6.21
CA VAL A 3 3.82 -0.37 6.07
C VAL A 3 2.40 0.15 6.31
N ARG A 4 2.24 1.44 6.38
CA ARG A 4 0.86 2.00 6.62
C ARG A 4 0.39 2.79 5.40
N PHE A 5 -0.79 3.36 5.50
CA PHE A 5 -1.35 4.15 4.36
C PHE A 5 -0.28 4.97 3.66
N TRP A 6 -0.20 4.86 2.36
CA TRP A 6 0.81 5.64 1.58
C TRP A 6 2.22 5.29 2.03
N GLY A 7 2.70 4.17 1.57
CA GLY A 7 4.08 3.72 1.92
C GLY A 7 4.68 3.02 0.70
N LYS A 8 5.84 3.45 0.26
CA LYS A 8 6.47 2.82 -0.93
C LYS A 8 6.22 1.31 -0.93
N CYS A 9 5.62 0.80 -1.97
CA CYS A 9 5.32 -0.66 -2.04
C CYS A 9 5.51 -1.18 -3.47
N SER A 10 6.47 -2.03 -3.68
CA SER A 10 6.69 -2.58 -5.05
C SER A 10 7.53 -3.86 -4.97
N GLN A 11 7.36 -4.62 -3.92
CA GLN A 11 8.16 -5.87 -3.77
C GLN A 11 7.26 -7.00 -3.25
N THR A 12 6.21 -7.32 -3.95
CA THR A 12 5.31 -8.42 -3.49
C THR A 12 4.83 -8.15 -2.07
N SER A 13 3.75 -7.42 -1.93
CA SER A 13 3.22 -7.13 -0.56
C SER A 13 4.31 -6.48 0.29
N ASP A 14 4.39 -5.18 0.30
CA ASP A 14 5.42 -4.49 1.11
C ASP A 14 4.78 -3.88 2.36
N CYS A 15 3.56 -3.45 2.25
CA CYS A 15 2.87 -2.84 3.43
C CYS A 15 2.19 -3.92 4.26
N CYS A 16 1.28 -3.53 5.11
CA CYS A 16 0.58 -4.53 5.97
C CYS A 16 -0.51 -5.26 5.16
N PRO A 17 -0.87 -6.44 5.64
CA PRO A 17 -1.91 -7.24 4.96
C PRO A 17 -3.24 -6.49 4.93
N HIS A 18 -3.34 -5.43 5.68
CA HIS A 18 -4.61 -4.66 5.72
C HIS A 18 -4.61 -3.57 4.65
N LEU A 19 -3.71 -3.67 3.70
CA LEU A 19 -3.65 -2.64 2.62
C LEU A 19 -3.34 -3.29 1.27
N ALA A 20 -3.34 -2.52 0.22
CA ALA A 20 -3.04 -3.07 -1.12
C ALA A 20 -2.01 -2.17 -1.81
N CYS A 21 -1.31 -2.69 -2.79
CA CYS A 21 -0.29 -1.85 -3.48
C CYS A 21 -0.90 -1.15 -4.69
N LYS A 22 -1.30 0.08 -4.52
CA LYS A 22 -1.90 0.84 -5.65
C LYS A 22 -2.29 2.24 -5.17
N SER A 23 -1.59 3.25 -5.59
CA SER A 23 -1.92 4.64 -5.15
C SER A 23 -2.60 5.41 -6.27
N LYS A 24 -3.15 6.56 -5.96
CA LYS A 24 -3.83 7.39 -7.00
C LYS A 24 -3.02 8.67 -7.23
N TRP A 25 -1.75 8.61 -6.98
CA TRP A 25 -0.89 9.79 -7.18
C TRP A 25 0.58 9.38 -6.93
N PRO A 26 0.88 8.91 -5.75
CA PRO A 26 2.25 8.44 -5.45
C PRO A 26 2.61 7.28 -6.39
N ARG A 27 1.62 6.71 -7.04
CA ARG A 27 1.83 5.57 -7.98
C ARG A 27 3.08 4.76 -7.60
N ASN A 28 3.20 4.40 -6.36
CA ASN A 28 4.39 3.60 -5.93
C ASN A 28 4.33 3.31 -4.43
N ILE A 29 3.14 3.18 -3.87
CA ILE A 29 3.05 2.88 -2.41
C ILE A 29 1.90 1.92 -2.12
N CYS A 30 1.58 1.76 -0.88
CA CYS A 30 0.46 0.85 -0.48
C CYS A 30 -0.62 1.65 0.24
N VAL A 31 -1.83 1.64 -0.25
CA VAL A 31 -2.89 2.43 0.42
C VAL A 31 -3.83 1.51 1.22
N TRP A 32 -4.44 2.04 2.23
CA TRP A 32 -5.38 1.23 3.06
C TRP A 32 -6.64 0.89 2.25
N ASP A 33 -7.17 -0.29 2.41
CA ASP A 33 -8.39 -0.68 1.66
C ASP A 33 -9.62 0.06 2.22
N GLY A 34 -9.99 1.16 1.63
CA GLY A 34 -11.17 1.90 2.14
C GLY A 34 -11.72 2.82 1.04
N SER A 35 -10.86 3.49 0.34
CA SER A 35 -11.32 4.41 -0.75
C SER A 35 -11.42 3.64 -2.07
N VAL A 36 -12.18 2.58 -2.09
CA VAL A 36 -12.31 1.79 -3.35
C VAL A 36 -13.76 1.41 -3.60
N ASP A 1 8.58 -6.18 7.31
CA ASP A 1 8.42 -4.72 7.56
C ASP A 1 7.12 -4.20 6.94
N CYS A 2 6.03 -4.33 7.65
CA CYS A 2 4.73 -3.85 7.12
C CYS A 2 4.76 -2.33 6.95
N VAL A 3 3.75 -1.78 6.34
CA VAL A 3 3.71 -0.30 6.14
C VAL A 3 2.28 0.20 6.32
N ARG A 4 2.11 1.49 6.46
CA ARG A 4 0.74 2.05 6.64
C ARG A 4 0.28 2.79 5.39
N PHE A 5 -0.79 3.53 5.49
CA PHE A 5 -1.33 4.27 4.32
C PHE A 5 -0.21 5.01 3.57
N TRP A 6 -0.20 4.91 2.27
CA TRP A 6 0.84 5.61 1.47
C TRP A 6 2.24 5.21 1.94
N GLY A 7 2.72 4.11 1.44
CA GLY A 7 4.08 3.63 1.81
C GLY A 7 4.71 2.98 0.59
N LYS A 8 5.82 3.49 0.14
CA LYS A 8 6.50 2.92 -1.06
C LYS A 8 6.36 1.40 -1.07
N CYS A 9 5.76 0.87 -2.10
CA CYS A 9 5.56 -0.60 -2.19
C CYS A 9 5.58 -1.05 -3.66
N SER A 10 5.90 -2.29 -3.90
CA SER A 10 5.94 -2.78 -5.31
C SER A 10 5.85 -4.31 -5.33
N GLN A 11 4.78 -4.84 -5.86
CA GLN A 11 4.63 -6.33 -5.92
C GLN A 11 4.49 -6.91 -4.50
N THR A 12 4.09 -8.14 -4.40
CA THR A 12 3.95 -8.77 -3.05
C THR A 12 3.19 -7.83 -2.11
N SER A 13 3.48 -7.87 -0.84
CA SER A 13 2.78 -6.98 0.13
C SER A 13 3.80 -6.24 1.00
N ASP A 14 4.44 -5.25 0.45
CA ASP A 14 5.45 -4.48 1.25
C ASP A 14 4.80 -3.92 2.51
N CYS A 15 3.59 -3.48 2.42
CA CYS A 15 2.90 -2.91 3.62
C CYS A 15 2.18 -4.02 4.39
N CYS A 16 1.26 -3.66 5.23
CA CYS A 16 0.52 -4.69 6.02
C CYS A 16 -0.53 -5.38 5.13
N PRO A 17 -0.91 -6.57 5.53
CA PRO A 17 -1.91 -7.35 4.77
C PRO A 17 -3.26 -6.62 4.74
N HIS A 18 -3.40 -5.58 5.52
CA HIS A 18 -4.70 -4.86 5.55
C HIS A 18 -4.72 -3.73 4.51
N LEU A 19 -3.71 -3.65 3.69
CA LEU A 19 -3.68 -2.58 2.65
C LEU A 19 -3.38 -3.17 1.28
N ALA A 20 -3.31 -2.35 0.27
CA ALA A 20 -3.02 -2.88 -1.10
C ALA A 20 -1.98 -1.98 -1.77
N CYS A 21 -1.22 -2.53 -2.68
CA CYS A 21 -0.18 -1.70 -3.36
C CYS A 21 -0.77 -1.02 -4.60
N LYS A 22 -1.08 0.24 -4.49
CA LYS A 22 -1.66 0.97 -5.65
C LYS A 22 -1.94 2.43 -5.27
N SER A 23 -1.36 3.37 -5.98
CA SER A 23 -1.58 4.79 -5.64
C SER A 23 -1.87 5.62 -6.90
N LYS A 24 -2.23 6.86 -6.72
CA LYS A 24 -2.52 7.72 -7.90
C LYS A 24 -1.81 9.07 -7.69
N TRP A 25 -0.61 9.02 -7.17
CA TRP A 25 0.15 10.27 -6.92
C TRP A 25 1.44 9.94 -6.14
N PRO A 26 1.31 9.27 -5.01
CA PRO A 26 2.51 8.89 -4.22
C PRO A 26 3.46 8.05 -5.08
N ARG A 27 2.98 7.56 -6.20
CA ARG A 27 3.84 6.75 -7.10
C ARG A 27 4.27 5.43 -6.48
N ASN A 28 3.52 4.39 -6.74
CA ASN A 28 3.87 3.04 -6.22
C ASN A 28 3.97 3.01 -4.68
N ILE A 29 2.88 2.72 -4.02
CA ILE A 29 2.90 2.61 -2.53
C ILE A 29 1.76 1.71 -2.07
N CYS A 30 1.54 1.62 -0.80
CA CYS A 30 0.44 0.75 -0.30
C CYS A 30 -0.61 1.60 0.43
N VAL A 31 -1.80 1.68 -0.11
CA VAL A 31 -2.85 2.49 0.55
C VAL A 31 -3.81 1.59 1.34
N TRP A 32 -4.22 2.03 2.48
CA TRP A 32 -5.16 1.22 3.30
C TRP A 32 -6.36 0.79 2.43
N ASP A 33 -6.83 -0.41 2.60
CA ASP A 33 -7.99 -0.88 1.79
C ASP A 33 -9.29 -0.63 2.55
N GLY A 34 -10.34 -0.27 1.86
CA GLY A 34 -11.64 -0.02 2.55
C GLY A 34 -12.09 1.41 2.27
N SER A 35 -11.56 2.02 1.25
CA SER A 35 -11.96 3.42 0.93
C SER A 35 -13.15 3.41 -0.04
N VAL A 36 -14.22 2.75 0.33
CA VAL A 36 -15.41 2.72 -0.57
C VAL A 36 -16.68 3.07 0.23
N ASP A 1 9.06 -6.21 7.50
CA ASP A 1 8.29 -5.14 8.21
C ASP A 1 7.11 -4.68 7.34
N CYS A 2 5.99 -4.41 7.96
CA CYS A 2 4.80 -3.95 7.17
C CYS A 2 4.82 -2.42 7.06
N VAL A 3 3.89 -1.87 6.33
CA VAL A 3 3.83 -0.39 6.17
C VAL A 3 2.39 0.11 6.36
N ARG A 4 2.21 1.40 6.45
CA ARG A 4 0.84 1.95 6.63
C ARG A 4 0.36 2.69 5.39
N PHE A 5 -0.73 3.41 5.50
CA PHE A 5 -1.30 4.16 4.35
C PHE A 5 -0.22 4.94 3.59
N TRP A 6 -0.21 4.84 2.29
CA TRP A 6 0.80 5.58 1.48
C TRP A 6 2.22 5.18 1.88
N GLY A 7 2.58 3.96 1.60
CA GLY A 7 3.95 3.48 1.94
C GLY A 7 4.57 2.88 0.68
N LYS A 8 5.68 3.42 0.24
CA LYS A 8 6.35 2.90 -0.98
C LYS A 8 6.25 1.37 -1.02
N CYS A 9 5.66 0.84 -2.05
CA CYS A 9 5.49 -0.63 -2.15
C CYS A 9 5.58 -1.06 -3.62
N SER A 10 5.68 -2.34 -3.87
CA SER A 10 5.76 -2.82 -5.27
C SER A 10 5.16 -4.23 -5.39
N GLN A 11 4.04 -4.34 -6.05
CA GLN A 11 3.40 -5.68 -6.21
C GLN A 11 3.20 -6.35 -4.85
N THR A 12 2.70 -5.63 -3.89
CA THR A 12 2.47 -6.22 -2.53
C THR A 12 3.80 -6.65 -1.91
N SER A 13 3.75 -7.19 -0.73
CA SER A 13 5.01 -7.64 -0.07
C SER A 13 5.84 -6.42 0.38
N ASP A 14 5.20 -5.32 0.62
CA ASP A 14 5.95 -4.10 1.06
C ASP A 14 5.13 -3.28 2.04
N CYS A 15 4.04 -3.82 2.53
CA CYS A 15 3.20 -3.07 3.50
C CYS A 15 2.39 -4.05 4.34
N CYS A 16 1.44 -3.57 5.10
CA CYS A 16 0.64 -4.49 5.96
C CYS A 16 -0.43 -5.20 5.11
N PRO A 17 -0.79 -6.39 5.53
CA PRO A 17 -1.82 -7.18 4.81
C PRO A 17 -3.17 -6.44 4.80
N HIS A 18 -3.28 -5.40 5.57
CA HIS A 18 -4.56 -4.67 5.62
C HIS A 18 -4.57 -3.53 4.58
N LEU A 19 -3.68 -3.58 3.64
CA LEU A 19 -3.63 -2.52 2.60
C LEU A 19 -3.39 -3.12 1.22
N ALA A 20 -3.29 -2.30 0.22
CA ALA A 20 -3.04 -2.81 -1.17
C ALA A 20 -2.02 -1.91 -1.86
N CYS A 21 -1.20 -2.47 -2.71
CA CYS A 21 -0.17 -1.63 -3.41
C CYS A 21 -0.80 -0.89 -4.59
N LYS A 22 -1.10 0.37 -4.40
CA LYS A 22 -1.70 1.17 -5.51
C LYS A 22 -1.98 2.59 -5.02
N SER A 23 -1.42 3.59 -5.66
CA SER A 23 -1.65 4.99 -5.19
C SER A 23 -2.21 5.85 -6.34
N LYS A 24 -2.88 6.93 -6.00
CA LYS A 24 -3.44 7.82 -7.05
C LYS A 24 -2.70 9.15 -7.04
N TRP A 25 -1.43 9.12 -6.70
CA TRP A 25 -0.62 10.36 -6.64
C TRP A 25 0.79 10.04 -6.15
N PRO A 26 0.88 9.47 -4.97
CA PRO A 26 2.21 9.08 -4.42
C PRO A 26 2.94 8.17 -5.42
N ARG A 27 2.18 7.40 -6.16
CA ARG A 27 2.79 6.50 -7.17
C ARG A 27 3.69 5.44 -6.53
N ASN A 28 3.29 4.20 -6.61
CA ASN A 28 4.11 3.08 -6.05
C ASN A 28 4.07 3.01 -4.52
N ILE A 29 2.93 2.72 -3.95
CA ILE A 29 2.86 2.58 -2.47
C ILE A 29 1.70 1.66 -2.07
N CYS A 30 1.43 1.55 -0.82
CA CYS A 30 0.33 0.67 -0.35
C CYS A 30 -0.74 1.49 0.37
N VAL A 31 -1.86 1.70 -0.25
CA VAL A 31 -2.94 2.49 0.41
C VAL A 31 -3.90 1.59 1.18
N TRP A 32 -4.32 2.02 2.34
CA TRP A 32 -5.26 1.21 3.15
C TRP A 32 -6.43 0.71 2.26
N ASP A 33 -6.96 -0.44 2.54
CA ASP A 33 -8.08 -0.96 1.71
C ASP A 33 -9.37 -0.22 2.06
N GLY A 34 -10.50 -0.83 1.83
CA GLY A 34 -11.80 -0.15 2.13
C GLY A 34 -12.93 -1.17 2.11
N SER A 35 -12.73 -2.31 2.73
CA SER A 35 -13.81 -3.35 2.73
C SER A 35 -14.80 -3.07 3.87
N VAL A 36 -15.69 -2.13 3.68
CA VAL A 36 -16.68 -1.81 4.75
C VAL A 36 -18.07 -1.67 4.13
N ASP A 1 9.64 -4.71 8.19
CA ASP A 1 8.45 -4.28 8.98
C ASP A 1 7.26 -4.02 8.05
N CYS A 2 6.10 -3.82 8.59
CA CYS A 2 4.91 -3.56 7.74
C CYS A 2 4.85 -2.09 7.34
N VAL A 3 4.08 -1.77 6.34
CA VAL A 3 3.96 -0.35 5.91
C VAL A 3 2.52 0.11 6.08
N ARG A 4 2.32 1.38 6.28
CA ARG A 4 0.94 1.91 6.48
C ARG A 4 0.43 2.64 5.23
N PHE A 5 -0.64 3.37 5.39
CA PHE A 5 -1.23 4.12 4.24
C PHE A 5 -0.16 4.95 3.50
N TRP A 6 -0.16 4.90 2.20
CA TRP A 6 0.84 5.68 1.42
C TRP A 6 2.26 5.29 1.81
N GLY A 7 2.59 4.05 1.65
CA GLY A 7 3.96 3.58 1.99
C GLY A 7 4.56 2.89 0.75
N LYS A 8 5.71 3.34 0.32
CA LYS A 8 6.34 2.73 -0.88
C LYS A 8 6.11 1.22 -0.92
N CYS A 9 5.67 0.72 -2.04
CA CYS A 9 5.39 -0.74 -2.14
C CYS A 9 5.51 -1.18 -3.60
N SER A 10 5.50 -2.47 -3.86
CA SER A 10 5.64 -2.94 -5.28
C SER A 10 4.95 -4.30 -5.49
N GLN A 11 3.84 -4.53 -4.83
CA GLN A 11 3.12 -5.83 -5.02
C GLN A 11 3.92 -6.98 -4.41
N THR A 12 5.01 -6.68 -3.75
CA THR A 12 5.82 -7.77 -3.13
C THR A 12 5.47 -7.92 -1.65
N SER A 13 4.21 -7.97 -1.32
CA SER A 13 3.81 -8.11 0.11
C SER A 13 4.62 -7.14 0.98
N ASP A 14 4.80 -5.94 0.53
CA ASP A 14 5.59 -4.95 1.33
C ASP A 14 4.77 -4.45 2.51
N CYS A 15 3.83 -3.58 2.26
CA CYS A 15 2.99 -3.05 3.37
C CYS A 15 2.26 -4.19 4.09
N CYS A 16 1.41 -3.87 5.03
CA CYS A 16 0.68 -4.95 5.76
C CYS A 16 -0.50 -5.47 4.93
N PRO A 17 -0.93 -6.67 5.26
CA PRO A 17 -2.06 -7.31 4.54
C PRO A 17 -3.34 -6.48 4.66
N HIS A 18 -3.34 -5.49 5.52
CA HIS A 18 -4.56 -4.67 5.70
C HIS A 18 -4.57 -3.51 4.71
N LEU A 19 -3.75 -3.58 3.70
CA LEU A 19 -3.70 -2.49 2.69
C LEU A 19 -3.53 -3.06 1.28
N ALA A 20 -3.28 -2.22 0.31
CA ALA A 20 -3.10 -2.71 -1.08
C ALA A 20 -2.08 -1.84 -1.81
N CYS A 21 -1.43 -2.37 -2.82
CA CYS A 21 -0.43 -1.56 -3.57
C CYS A 21 -1.07 -0.93 -4.81
N LYS A 22 -1.24 0.36 -4.80
CA LYS A 22 -1.85 1.04 -5.98
C LYS A 22 -2.08 2.52 -5.66
N SER A 23 -1.25 3.38 -6.19
CA SER A 23 -1.42 4.84 -5.91
C SER A 23 -1.38 5.65 -7.21
N LYS A 24 -1.53 6.94 -7.12
CA LYS A 24 -1.52 7.79 -8.34
C LYS A 24 -0.84 9.13 -8.05
N TRP A 25 0.30 9.09 -7.41
CA TRP A 25 1.04 10.34 -7.07
C TRP A 25 2.13 10.05 -6.04
N PRO A 26 1.79 9.36 -4.96
CA PRO A 26 2.82 9.02 -3.97
C PRO A 26 3.93 8.21 -4.66
N ARG A 27 3.64 7.72 -5.84
CA ARG A 27 4.65 6.95 -6.63
C ARG A 27 4.85 5.54 -6.09
N ASN A 28 3.97 4.64 -6.45
CA ASN A 28 4.09 3.22 -6.00
C ASN A 28 4.14 3.08 -4.48
N ILE A 29 2.99 2.91 -3.86
CA ILE A 29 2.96 2.72 -2.38
C ILE A 29 1.82 1.77 -2.02
N CYS A 30 1.47 1.71 -0.77
CA CYS A 30 0.37 0.80 -0.35
C CYS A 30 -0.73 1.58 0.39
N VAL A 31 -1.87 1.75 -0.22
CA VAL A 31 -2.97 2.50 0.45
C VAL A 31 -3.89 1.54 1.20
N TRP A 32 -4.23 1.86 2.41
CA TRP A 32 -5.14 0.98 3.20
C TRP A 32 -6.26 0.44 2.29
N ASP A 33 -6.69 -0.76 2.54
CA ASP A 33 -7.78 -1.36 1.69
C ASP A 33 -9.12 -1.29 2.42
N GLY A 34 -9.84 -0.20 2.26
CA GLY A 34 -11.16 -0.07 2.94
C GLY A 34 -12.18 0.50 1.97
N SER A 35 -11.86 0.53 0.70
CA SER A 35 -12.83 1.07 -0.29
C SER A 35 -13.77 -0.03 -0.76
N VAL A 36 -14.60 -0.53 0.12
CA VAL A 36 -15.55 -1.61 -0.28
C VAL A 36 -16.54 -1.07 -1.32
N ASP A 1 8.56 -5.98 8.57
CA ASP A 1 8.30 -4.52 8.72
C ASP A 1 7.18 -4.07 7.78
N CYS A 2 5.95 -4.34 8.13
CA CYS A 2 4.82 -3.93 7.25
C CYS A 2 4.77 -2.40 7.14
N VAL A 3 3.90 -1.88 6.31
CA VAL A 3 3.81 -0.40 6.15
C VAL A 3 2.35 0.05 6.28
N ARG A 4 2.10 1.33 6.23
CA ARG A 4 0.70 1.82 6.35
C ARG A 4 0.28 2.66 5.13
N PHE A 5 -0.82 3.34 5.24
CA PHE A 5 -1.33 4.18 4.11
C PHE A 5 -0.20 4.95 3.43
N TRP A 6 -0.18 4.94 2.12
CA TRP A 6 0.88 5.69 1.38
C TRP A 6 2.27 5.23 1.80
N GLY A 7 2.54 3.97 1.66
CA GLY A 7 3.88 3.45 2.03
C GLY A 7 4.53 2.83 0.79
N LYS A 8 5.67 3.32 0.40
CA LYS A 8 6.36 2.78 -0.81
C LYS A 8 6.16 1.27 -0.89
N CYS A 9 5.62 0.79 -1.98
CA CYS A 9 5.36 -0.66 -2.11
C CYS A 9 5.43 -1.08 -3.59
N SER A 10 6.24 -2.04 -3.91
CA SER A 10 6.35 -2.51 -5.33
C SER A 10 6.97 -3.90 -5.38
N GLN A 11 6.80 -4.68 -4.34
CA GLN A 11 7.37 -6.05 -4.34
C GLN A 11 6.63 -6.93 -3.32
N THR A 12 5.86 -7.87 -3.79
CA THR A 12 5.12 -8.75 -2.85
C THR A 12 4.51 -7.94 -1.71
N SER A 13 3.78 -6.90 -2.03
CA SER A 13 3.15 -6.07 -0.97
C SER A 13 4.16 -5.77 0.14
N ASP A 14 4.86 -4.67 0.05
CA ASP A 14 5.85 -4.33 1.11
C ASP A 14 5.16 -3.64 2.28
N CYS A 15 3.84 -3.58 2.26
CA CYS A 15 3.11 -2.91 3.36
C CYS A 15 2.39 -3.95 4.22
N CYS A 16 1.45 -3.53 5.01
CA CYS A 16 0.69 -4.49 5.87
C CYS A 16 -0.37 -5.23 5.04
N PRO A 17 -0.71 -6.41 5.48
CA PRO A 17 -1.74 -7.22 4.76
C PRO A 17 -3.10 -6.52 4.79
N HIS A 18 -3.21 -5.47 5.54
CA HIS A 18 -4.52 -4.76 5.63
C HIS A 18 -4.59 -3.64 4.59
N LEU A 19 -3.63 -3.56 3.73
CA LEU A 19 -3.64 -2.50 2.68
C LEU A 19 -3.37 -3.10 1.30
N ALA A 20 -3.34 -2.29 0.28
CA ALA A 20 -3.08 -2.83 -1.09
C ALA A 20 -2.09 -1.92 -1.81
N CYS A 21 -1.31 -2.47 -2.70
CA CYS A 21 -0.33 -1.64 -3.43
C CYS A 21 -0.99 -0.95 -4.63
N LYS A 22 -1.62 0.17 -4.40
CA LYS A 22 -2.30 0.89 -5.51
C LYS A 22 -2.46 2.37 -5.15
N SER A 23 -1.49 3.18 -5.46
CA SER A 23 -1.59 4.63 -5.12
C SER A 23 -2.34 5.39 -6.22
N LYS A 24 -2.75 6.59 -5.92
CA LYS A 24 -3.47 7.41 -6.93
C LYS A 24 -2.78 8.78 -7.01
N TRP A 25 -1.49 8.79 -6.77
CA TRP A 25 -0.73 10.07 -6.81
C TRP A 25 0.70 9.82 -6.27
N PRO A 26 0.80 9.30 -5.07
CA PRO A 26 2.14 9.02 -4.49
C PRO A 26 2.91 8.10 -5.42
N ARG A 27 2.20 7.28 -6.15
CA ARG A 27 2.85 6.34 -7.11
C ARG A 27 3.83 5.41 -6.40
N ASN A 28 3.62 4.12 -6.54
CA ASN A 28 4.55 3.12 -5.93
C ASN A 28 4.39 3.07 -4.40
N ILE A 29 3.21 2.79 -3.90
CA ILE A 29 3.03 2.68 -2.43
C ILE A 29 1.85 1.78 -2.09
N CYS A 30 1.49 1.72 -0.85
CA CYS A 30 0.35 0.86 -0.43
C CYS A 30 -0.69 1.68 0.33
N VAL A 31 -1.89 1.75 -0.18
CA VAL A 31 -2.95 2.54 0.51
C VAL A 31 -3.88 1.62 1.29
N TRP A 32 -4.21 2.00 2.48
CA TRP A 32 -5.14 1.17 3.31
C TRP A 32 -6.33 0.74 2.43
N ASP A 33 -6.95 -0.36 2.77
CA ASP A 33 -8.11 -0.82 1.95
C ASP A 33 -9.36 0.00 2.29
N GLY A 34 -10.26 -0.54 3.08
CA GLY A 34 -11.48 0.23 3.44
C GLY A 34 -12.29 0.55 2.18
N SER A 35 -12.03 1.68 1.58
CA SER A 35 -12.79 2.05 0.35
C SER A 35 -12.13 1.42 -0.88
N VAL A 36 -12.18 0.13 -1.00
CA VAL A 36 -11.57 -0.54 -2.18
C VAL A 36 -12.63 -0.88 -3.22
N ASP A 1 8.23 -4.92 10.17
CA ASP A 1 8.23 -3.50 9.73
C ASP A 1 7.12 -3.28 8.68
N CYS A 2 5.90 -3.57 9.03
CA CYS A 2 4.78 -3.38 8.07
C CYS A 2 4.72 -1.92 7.60
N VAL A 3 4.04 -1.68 6.52
CA VAL A 3 3.93 -0.29 6.01
C VAL A 3 2.47 0.16 6.10
N ARG A 4 2.23 1.39 6.49
CA ARG A 4 0.84 1.87 6.62
C ARG A 4 0.40 2.67 5.39
N PHE A 5 -0.70 3.36 5.51
CA PHE A 5 -1.22 4.17 4.36
C PHE A 5 -0.09 4.90 3.63
N TRP A 6 -0.13 4.89 2.32
CA TRP A 6 0.92 5.60 1.53
C TRP A 6 2.31 5.15 1.95
N GLY A 7 2.71 4.01 1.49
CA GLY A 7 4.05 3.47 1.81
C GLY A 7 4.65 2.86 0.55
N LYS A 8 5.77 3.35 0.10
CA LYS A 8 6.40 2.82 -1.13
C LYS A 8 6.21 1.30 -1.24
N CYS A 9 5.68 0.85 -2.35
CA CYS A 9 5.44 -0.61 -2.53
C CYS A 9 5.46 -0.95 -4.02
N SER A 10 6.40 -1.75 -4.44
CA SER A 10 6.46 -2.12 -5.90
C SER A 10 7.32 -3.37 -6.10
N GLN A 11 7.21 -4.33 -5.22
CA GLN A 11 8.02 -5.57 -5.37
C GLN A 11 7.28 -6.77 -4.78
N THR A 12 7.12 -6.81 -3.50
CA THR A 12 6.40 -7.95 -2.86
C THR A 12 6.12 -7.66 -1.38
N SER A 13 4.88 -7.67 -1.00
CA SER A 13 4.53 -7.39 0.43
C SER A 13 5.26 -6.14 0.93
N ASP A 14 4.97 -5.01 0.36
CA ASP A 14 5.64 -3.76 0.81
C ASP A 14 4.77 -3.04 1.84
N CYS A 15 3.90 -3.77 2.49
CA CYS A 15 3.01 -3.15 3.50
C CYS A 15 2.23 -4.24 4.24
N CYS A 16 1.34 -3.87 5.13
CA CYS A 16 0.58 -4.91 5.86
C CYS A 16 -0.55 -5.47 4.99
N PRO A 17 -0.95 -6.69 5.28
CA PRO A 17 -2.02 -7.37 4.52
C PRO A 17 -3.34 -6.59 4.59
N HIS A 18 -3.41 -5.61 5.43
CA HIS A 18 -4.67 -4.83 5.55
C HIS A 18 -4.66 -3.66 4.57
N LEU A 19 -3.82 -3.72 3.58
CA LEU A 19 -3.76 -2.61 2.58
C LEU A 19 -3.52 -3.17 1.17
N ALA A 20 -3.35 -2.32 0.21
CA ALA A 20 -3.10 -2.78 -1.20
C ALA A 20 -2.09 -1.86 -1.87
N CYS A 21 -1.41 -2.34 -2.88
CA CYS A 21 -0.40 -1.48 -3.56
C CYS A 21 -1.06 -0.69 -4.71
N LYS A 22 -1.93 0.22 -4.38
CA LYS A 22 -2.60 1.03 -5.44
C LYS A 22 -2.53 2.52 -5.10
N SER A 23 -1.67 3.26 -5.76
CA SER A 23 -1.54 4.70 -5.47
C SER A 23 -1.98 5.55 -6.66
N LYS A 24 -2.14 6.83 -6.46
CA LYS A 24 -2.55 7.74 -7.57
C LYS A 24 -1.83 9.08 -7.40
N TRP A 25 -0.57 9.03 -7.02
CA TRP A 25 0.22 10.26 -6.81
C TRP A 25 1.52 9.94 -6.06
N PRO A 26 1.42 9.25 -4.93
CA PRO A 26 2.63 8.88 -4.17
C PRO A 26 3.58 8.07 -5.06
N ARG A 27 3.07 7.59 -6.16
CA ARG A 27 3.91 6.79 -7.11
C ARG A 27 4.44 5.51 -6.47
N ASN A 28 3.73 4.42 -6.66
CA ASN A 28 4.17 3.10 -6.10
C ASN A 28 4.16 3.08 -4.57
N ILE A 29 3.03 2.71 -3.99
CA ILE A 29 2.96 2.60 -2.51
C ILE A 29 1.80 1.69 -2.12
N CYS A 30 1.50 1.61 -0.86
CA CYS A 30 0.38 0.74 -0.40
C CYS A 30 -0.64 1.55 0.39
N VAL A 31 -1.83 1.71 -0.12
CA VAL A 31 -2.85 2.49 0.63
C VAL A 31 -3.78 1.56 1.41
N TRP A 32 -4.13 1.95 2.60
CA TRP A 32 -5.04 1.09 3.41
C TRP A 32 -6.20 0.61 2.54
N ASP A 33 -6.85 -0.46 2.94
CA ASP A 33 -7.99 -0.96 2.13
C ASP A 33 -9.26 -0.15 2.44
N GLY A 34 -10.25 -0.74 3.06
CA GLY A 34 -11.48 0.03 3.39
C GLY A 34 -12.52 -0.19 2.29
N SER A 35 -12.57 -1.35 1.72
CA SER A 35 -13.58 -1.61 0.65
C SER A 35 -14.90 -2.04 1.27
N VAL A 36 -15.62 -1.12 1.85
CA VAL A 36 -16.93 -1.47 2.47
C VAL A 36 -18.06 -0.67 1.81
N ASP A 1 8.96 -6.21 8.06
CA ASP A 1 8.24 -5.03 8.61
C ASP A 1 7.15 -4.57 7.64
N CYS A 2 5.95 -4.38 8.12
CA CYS A 2 4.84 -3.94 7.23
C CYS A 2 4.80 -2.40 7.17
N VAL A 3 3.99 -1.86 6.30
CA VAL A 3 3.89 -0.38 6.19
C VAL A 3 2.45 0.08 6.41
N ARG A 4 2.22 1.36 6.51
CA ARG A 4 0.83 1.86 6.73
C ARG A 4 0.32 2.61 5.50
N PHE A 5 -0.79 3.29 5.65
CA PHE A 5 -1.37 4.04 4.50
C PHE A 5 -0.30 4.85 3.75
N TRP A 6 -0.26 4.72 2.46
CA TRP A 6 0.74 5.48 1.65
C TRP A 6 2.16 5.12 2.08
N GLY A 7 2.68 4.09 1.51
CA GLY A 7 4.06 3.65 1.84
C GLY A 7 4.66 2.95 0.62
N LYS A 8 5.76 3.45 0.12
CA LYS A 8 6.38 2.83 -1.08
C LYS A 8 6.23 1.32 -1.04
N CYS A 9 5.62 0.75 -2.04
CA CYS A 9 5.40 -0.73 -2.04
C CYS A 9 5.49 -1.27 -3.47
N SER A 10 5.82 -2.52 -3.61
CA SER A 10 5.92 -3.11 -4.98
C SER A 10 5.77 -4.64 -4.90
N GLN A 11 4.57 -5.13 -4.78
CA GLN A 11 4.37 -6.60 -4.70
C GLN A 11 5.12 -7.15 -3.49
N THR A 12 5.35 -8.44 -3.46
CA THR A 12 6.08 -9.05 -2.31
C THR A 12 5.44 -8.60 -0.99
N SER A 13 4.22 -8.16 -1.03
CA SER A 13 3.54 -7.71 0.22
C SER A 13 4.49 -6.86 1.07
N ASP A 14 4.82 -5.69 0.59
CA ASP A 14 5.74 -4.80 1.35
C ASP A 14 4.98 -4.12 2.51
N CYS A 15 3.88 -3.50 2.22
CA CYS A 15 3.09 -2.82 3.30
C CYS A 15 2.37 -3.86 4.15
N CYS A 16 1.45 -3.44 4.96
CA CYS A 16 0.70 -4.40 5.82
C CYS A 16 -0.38 -5.11 5.01
N PRO A 17 -0.73 -6.30 5.45
CA PRO A 17 -1.78 -7.10 4.77
C PRO A 17 -3.13 -6.38 4.82
N HIS A 18 -3.21 -5.32 5.58
CA HIS A 18 -4.50 -4.59 5.69
C HIS A 18 -4.56 -3.46 4.65
N LEU A 19 -3.71 -3.52 3.65
CA LEU A 19 -3.72 -2.45 2.61
C LEU A 19 -3.48 -3.07 1.22
N ALA A 20 -3.37 -2.24 0.23
CA ALA A 20 -3.12 -2.75 -1.15
C ALA A 20 -2.06 -1.90 -1.83
N CYS A 21 -1.28 -2.47 -2.70
CA CYS A 21 -0.22 -1.67 -3.38
C CYS A 21 -0.80 -0.92 -4.59
N LYS A 22 -1.58 0.08 -4.34
CA LYS A 22 -2.18 0.86 -5.47
C LYS A 22 -2.17 2.36 -5.15
N SER A 23 -1.58 3.16 -5.98
CA SER A 23 -1.54 4.62 -5.69
C SER A 23 -1.76 5.44 -6.97
N LYS A 24 -2.15 6.67 -6.80
CA LYS A 24 -2.39 7.56 -7.98
C LYS A 24 -1.70 8.90 -7.74
N TRP A 25 -0.50 8.86 -7.24
CA TRP A 25 0.24 10.12 -6.96
C TRP A 25 1.52 9.81 -6.15
N PRO A 26 1.36 9.14 -5.02
CA PRO A 26 2.53 8.77 -4.18
C PRO A 26 3.55 7.99 -5.01
N ARG A 27 3.14 7.50 -6.15
CA ARG A 27 4.07 6.73 -7.04
C ARG A 27 4.53 5.42 -6.39
N ASN A 28 3.83 4.35 -6.67
CA ASN A 28 4.22 3.02 -6.12
C ASN A 28 4.18 2.97 -4.59
N ILE A 29 3.03 2.72 -4.02
CA ILE A 29 2.93 2.61 -2.53
C ILE A 29 1.77 1.70 -2.17
N CYS A 30 1.43 1.64 -0.91
CA CYS A 30 0.31 0.76 -0.49
C CYS A 30 -0.76 1.57 0.24
N VAL A 31 -1.90 1.73 -0.34
CA VAL A 31 -2.99 2.51 0.33
C VAL A 31 -3.95 1.58 1.06
N TRP A 32 -4.30 1.90 2.27
CA TRP A 32 -5.24 1.04 3.04
C TRP A 32 -6.38 0.58 2.11
N ASP A 33 -6.85 -0.62 2.28
CA ASP A 33 -7.96 -1.12 1.41
C ASP A 33 -9.12 -1.61 2.27
N GLY A 34 -9.89 -2.54 1.75
CA GLY A 34 -11.04 -3.07 2.54
C GLY A 34 -12.13 -2.01 2.63
N SER A 35 -12.36 -1.29 1.56
CA SER A 35 -13.40 -0.23 1.58
C SER A 35 -14.75 -0.83 1.15
N VAL A 36 -15.24 -1.81 1.85
CA VAL A 36 -16.54 -2.42 1.48
C VAL A 36 -17.66 -1.91 2.41
N ASP A 1 9.50 -5.26 8.31
CA ASP A 1 8.61 -4.20 8.87
C ASP A 1 7.41 -3.98 7.95
N CYS A 2 6.25 -3.74 8.50
CA CYS A 2 5.05 -3.51 7.65
C CYS A 2 4.95 -2.04 7.24
N VAL A 3 4.03 -1.73 6.37
CA VAL A 3 3.87 -0.31 5.93
C VAL A 3 2.40 0.09 6.03
N ARG A 4 2.13 1.35 6.20
CA ARG A 4 0.70 1.79 6.31
C ARG A 4 0.29 2.63 5.10
N PHE A 5 -0.81 3.31 5.21
CA PHE A 5 -1.31 4.16 4.08
C PHE A 5 -0.18 4.96 3.44
N TRP A 6 -0.16 5.00 2.13
CA TRP A 6 0.89 5.78 1.41
C TRP A 6 2.29 5.34 1.85
N GLY A 7 2.66 4.13 1.54
CA GLY A 7 4.00 3.63 1.91
C GLY A 7 4.61 2.93 0.70
N LYS A 8 5.78 3.35 0.28
CA LYS A 8 6.43 2.72 -0.91
C LYS A 8 6.20 1.21 -0.92
N CYS A 9 5.58 0.71 -1.96
CA CYS A 9 5.30 -0.75 -2.03
C CYS A 9 5.38 -1.23 -3.49
N SER A 10 6.09 -2.28 -3.76
CA SER A 10 6.18 -2.79 -5.15
C SER A 10 6.65 -4.25 -5.16
N GLN A 11 7.71 -4.55 -4.46
CA GLN A 11 8.22 -5.95 -4.45
C GLN A 11 7.14 -6.90 -3.90
N THR A 12 7.49 -8.12 -3.64
CA THR A 12 6.50 -9.09 -3.11
C THR A 12 6.25 -8.87 -1.62
N SER A 13 5.01 -8.74 -1.22
CA SER A 13 4.71 -8.51 0.22
C SER A 13 5.47 -7.30 0.75
N ASP A 14 4.87 -6.14 0.68
CA ASP A 14 5.56 -4.91 1.20
C ASP A 14 4.83 -4.38 2.43
N CYS A 15 3.76 -3.65 2.22
CA CYS A 15 2.99 -3.10 3.38
C CYS A 15 2.26 -4.23 4.09
N CYS A 16 1.41 -3.92 5.03
CA CYS A 16 0.68 -4.99 5.75
C CYS A 16 -0.50 -5.50 4.91
N PRO A 17 -0.93 -6.71 5.21
CA PRO A 17 -2.05 -7.32 4.46
C PRO A 17 -3.33 -6.51 4.61
N HIS A 18 -3.33 -5.52 5.47
CA HIS A 18 -4.56 -4.71 5.66
C HIS A 18 -4.59 -3.54 4.68
N LEU A 19 -3.79 -3.60 3.65
CA LEU A 19 -3.77 -2.49 2.65
C LEU A 19 -3.58 -3.05 1.24
N ALA A 20 -3.43 -2.19 0.27
CA ALA A 20 -3.23 -2.65 -1.13
C ALA A 20 -2.13 -1.82 -1.78
N CYS A 21 -1.41 -2.37 -2.72
CA CYS A 21 -0.32 -1.59 -3.36
C CYS A 21 -0.87 -0.78 -4.54
N LYS A 22 -2.02 -0.17 -4.37
CA LYS A 22 -2.59 0.65 -5.47
C LYS A 22 -1.64 1.82 -5.79
N SER A 23 -1.46 2.12 -7.04
CA SER A 23 -0.55 3.24 -7.41
C SER A 23 -1.12 4.07 -8.55
N LYS A 24 -1.77 5.15 -8.24
CA LYS A 24 -2.34 6.04 -9.30
C LYS A 24 -2.14 7.50 -8.88
N TRP A 25 -1.07 7.77 -8.18
CA TRP A 25 -0.78 9.15 -7.70
C TRP A 25 0.33 9.11 -6.64
N PRO A 26 0.16 8.31 -5.62
CA PRO A 26 1.19 8.19 -4.56
C PRO A 26 2.53 7.79 -5.16
N ARG A 27 2.51 7.32 -6.38
CA ARG A 27 3.77 6.90 -7.07
C ARG A 27 4.41 5.67 -6.40
N ASN A 28 3.72 4.55 -6.46
CA ASN A 28 4.28 3.27 -5.90
C ASN A 28 4.21 3.20 -4.36
N ILE A 29 3.08 2.83 -3.82
CA ILE A 29 2.97 2.67 -2.33
C ILE A 29 1.81 1.73 -2.00
N CYS A 30 1.49 1.61 -0.75
CA CYS A 30 0.38 0.73 -0.33
C CYS A 30 -0.67 1.52 0.45
N VAL A 31 -1.83 1.73 -0.12
CA VAL A 31 -2.88 2.51 0.59
C VAL A 31 -3.83 1.55 1.31
N TRP A 32 -4.08 1.81 2.57
CA TRP A 32 -5.01 0.94 3.35
C TRP A 32 -6.21 0.56 2.47
N ASP A 33 -6.77 -0.61 2.70
CA ASP A 33 -7.94 -1.03 1.88
C ASP A 33 -9.24 -0.84 2.66
N GLY A 34 -9.91 0.25 2.44
CA GLY A 34 -11.18 0.50 3.19
C GLY A 34 -12.35 0.58 2.20
N SER A 35 -12.06 0.88 0.96
CA SER A 35 -13.15 0.97 -0.06
C SER A 35 -13.43 -0.41 -0.66
N VAL A 36 -14.00 -1.29 0.13
CA VAL A 36 -14.30 -2.66 -0.40
C VAL A 36 -15.25 -3.39 0.55
N ASP A 1 9.34 -4.87 6.37
CA ASP A 1 8.25 -4.90 7.39
C ASP A 1 6.98 -4.25 6.82
N CYS A 2 5.85 -4.47 7.45
CA CYS A 2 4.59 -3.87 6.95
C CYS A 2 4.73 -2.35 6.86
N VAL A 3 3.77 -1.71 6.25
CA VAL A 3 3.82 -0.23 6.11
C VAL A 3 2.41 0.35 6.31
N ARG A 4 2.31 1.61 6.59
CA ARG A 4 0.96 2.21 6.81
C ARG A 4 0.42 2.87 5.52
N PHE A 5 -0.66 3.59 5.64
CA PHE A 5 -1.27 4.26 4.45
C PHE A 5 -0.22 5.04 3.64
N TRP A 6 -0.19 4.85 2.35
CA TRP A 6 0.78 5.59 1.51
C TRP A 6 2.21 5.25 1.92
N GLY A 7 2.66 4.08 1.57
CA GLY A 7 4.03 3.66 1.92
C GLY A 7 4.64 2.95 0.71
N LYS A 8 5.78 3.40 0.26
CA LYS A 8 6.43 2.76 -0.92
C LYS A 8 6.23 1.25 -0.89
N CYS A 9 5.63 0.71 -1.92
CA CYS A 9 5.37 -0.75 -1.95
C CYS A 9 5.48 -1.27 -3.39
N SER A 10 6.11 -2.40 -3.57
CA SER A 10 6.25 -2.96 -4.94
C SER A 10 6.58 -4.45 -4.85
N GLN A 11 5.63 -5.30 -5.15
CA GLN A 11 5.89 -6.77 -5.08
C GLN A 11 6.37 -7.15 -3.67
N THR A 12 6.27 -8.41 -3.33
CA THR A 12 6.71 -8.84 -1.98
C THR A 12 5.89 -8.15 -0.89
N SER A 13 4.69 -7.74 -1.21
CA SER A 13 3.82 -7.06 -0.20
C SER A 13 4.52 -5.81 0.37
N ASP A 14 5.33 -5.99 1.37
CA ASP A 14 6.06 -4.85 2.02
C ASP A 14 5.14 -4.13 3.02
N CYS A 15 4.05 -3.57 2.57
CA CYS A 15 3.14 -2.87 3.51
C CYS A 15 2.35 -3.88 4.33
N CYS A 16 1.38 -3.44 5.08
CA CYS A 16 0.58 -4.39 5.91
C CYS A 16 -0.44 -5.14 5.03
N PRO A 17 -0.73 -6.36 5.41
CA PRO A 17 -1.70 -7.19 4.66
C PRO A 17 -3.08 -6.54 4.67
N HIS A 18 -3.26 -5.55 5.49
CA HIS A 18 -4.59 -4.89 5.56
C HIS A 18 -4.67 -3.76 4.54
N LEU A 19 -3.72 -3.69 3.64
CA LEU A 19 -3.73 -2.60 2.62
C LEU A 19 -3.50 -3.20 1.23
N ALA A 20 -3.36 -2.36 0.23
CA ALA A 20 -3.12 -2.87 -1.15
C ALA A 20 -2.08 -2.00 -1.85
N CYS A 21 -1.30 -2.57 -2.72
CA CYS A 21 -0.27 -1.78 -3.43
C CYS A 21 -0.86 -1.13 -4.69
N LYS A 22 -1.08 0.16 -4.65
CA LYS A 22 -1.66 0.85 -5.83
C LYS A 22 -1.80 2.34 -5.53
N SER A 23 -1.12 3.18 -6.27
CA SER A 23 -1.22 4.65 -6.01
C SER A 23 -1.31 5.44 -7.32
N LYS A 24 -1.80 6.65 -7.25
CA LYS A 24 -1.90 7.49 -8.48
C LYS A 24 -1.20 8.82 -8.22
N TRP A 25 -0.07 8.79 -7.58
CA TRP A 25 0.68 10.04 -7.28
C TRP A 25 1.86 9.74 -6.35
N PRO A 26 1.60 9.14 -5.21
CA PRO A 26 2.69 8.80 -4.26
C PRO A 26 3.78 7.98 -4.97
N ARG A 27 3.46 7.44 -6.13
CA ARG A 27 4.46 6.65 -6.90
C ARG A 27 4.79 5.32 -6.20
N ASN A 28 4.08 4.29 -6.56
CA ASN A 28 4.35 2.94 -5.98
C ASN A 28 4.28 2.92 -4.45
N ILE A 29 3.12 2.70 -3.91
CA ILE A 29 2.98 2.60 -2.42
C ILE A 29 1.80 1.71 -2.07
N CYS A 30 1.49 1.62 -0.80
CA CYS A 30 0.36 0.75 -0.39
C CYS A 30 -0.71 1.59 0.31
N VAL A 31 -1.89 1.67 -0.25
CA VAL A 31 -2.97 2.47 0.40
C VAL A 31 -3.90 1.56 1.19
N TRP A 32 -4.24 1.96 2.38
CA TRP A 32 -5.16 1.14 3.22
C TRP A 32 -6.34 0.64 2.36
N ASP A 33 -6.83 -0.53 2.65
CA ASP A 33 -7.98 -1.07 1.86
C ASP A 33 -9.27 -0.94 2.65
N GLY A 34 -10.19 -0.14 2.19
CA GLY A 34 -11.47 0.02 2.92
C GLY A 34 -12.24 1.23 2.37
N SER A 35 -11.53 2.21 1.89
CA SER A 35 -12.21 3.41 1.33
C SER A 35 -12.56 3.19 -0.14
N VAL A 36 -13.38 2.21 -0.42
CA VAL A 36 -13.77 1.95 -1.84
C VAL A 36 -15.01 1.06 -1.89
N ASP A 1 9.30 -5.42 7.03
CA ASP A 1 8.52 -4.49 7.91
C ASP A 1 7.28 -3.98 7.18
N CYS A 2 6.12 -4.34 7.65
CA CYS A 2 4.87 -3.86 7.00
C CYS A 2 4.86 -2.33 6.94
N VAL A 3 3.89 -1.76 6.29
CA VAL A 3 3.83 -0.27 6.20
C VAL A 3 2.39 0.22 6.41
N ARG A 4 2.20 1.49 6.54
CA ARG A 4 0.83 2.03 6.75
C ARG A 4 0.31 2.72 5.49
N PHE A 5 -0.79 3.42 5.61
CA PHE A 5 -1.37 4.13 4.43
C PHE A 5 -0.30 4.92 3.67
N TRP A 6 -0.23 4.75 2.37
CA TRP A 6 0.78 5.50 1.57
C TRP A 6 2.19 5.08 1.97
N GLY A 7 2.53 3.86 1.67
CA GLY A 7 3.90 3.37 2.01
C GLY A 7 4.55 2.79 0.76
N LYS A 8 5.70 3.29 0.39
CA LYS A 8 6.40 2.78 -0.82
C LYS A 8 6.20 1.26 -0.94
N CYS A 9 5.67 0.82 -2.04
CA CYS A 9 5.42 -0.64 -2.22
C CYS A 9 5.43 -1.02 -3.70
N SER A 10 5.83 -2.22 -4.00
CA SER A 10 5.86 -2.66 -5.42
C SER A 10 4.70 -3.63 -5.68
N GLN A 11 4.46 -4.53 -4.78
CA GLN A 11 3.36 -5.51 -4.96
C GLN A 11 2.61 -5.70 -3.64
N THR A 12 1.62 -6.54 -3.60
CA THR A 12 0.87 -6.76 -2.34
C THR A 12 1.72 -7.57 -1.35
N SER A 13 2.45 -6.90 -0.50
CA SER A 13 3.29 -7.63 0.48
C SER A 13 4.07 -6.64 1.36
N ASP A 14 4.87 -5.80 0.76
CA ASP A 14 5.65 -4.81 1.55
C ASP A 14 4.80 -4.23 2.68
N CYS A 15 3.87 -3.37 2.36
CA CYS A 15 3.01 -2.77 3.41
C CYS A 15 2.31 -3.85 4.23
N CYS A 16 1.38 -3.47 5.07
CA CYS A 16 0.65 -4.49 5.89
C CYS A 16 -0.43 -5.18 5.06
N PRO A 17 -0.77 -6.37 5.46
CA PRO A 17 -1.81 -7.16 4.74
C PRO A 17 -3.16 -6.45 4.79
N HIS A 18 -3.27 -5.40 5.58
CA HIS A 18 -4.57 -4.70 5.68
C HIS A 18 -4.66 -3.57 4.64
N LEU A 19 -3.71 -3.53 3.74
CA LEU A 19 -3.74 -2.46 2.69
C LEU A 19 -3.46 -3.08 1.32
N ALA A 20 -3.31 -2.28 0.31
CA ALA A 20 -3.05 -2.84 -1.05
C ALA A 20 -2.03 -1.98 -1.78
N CYS A 21 -1.28 -2.54 -2.68
CA CYS A 21 -0.28 -1.74 -3.43
C CYS A 21 -0.93 -1.09 -4.64
N LYS A 22 -1.96 -0.31 -4.42
CA LYS A 22 -2.66 0.34 -5.56
C LYS A 22 -1.83 1.53 -6.06
N SER A 23 -1.82 1.73 -7.35
CA SER A 23 -1.05 2.87 -7.92
C SER A 23 -1.92 3.69 -8.87
N LYS A 24 -3.06 4.14 -8.41
CA LYS A 24 -3.95 4.95 -9.28
C LYS A 24 -3.87 6.43 -8.87
N TRP A 25 -2.80 6.81 -8.23
CA TRP A 25 -2.62 8.21 -7.79
C TRP A 25 -1.38 8.32 -6.91
N PRO A 26 -1.35 7.56 -5.82
CA PRO A 26 -0.17 7.56 -4.93
C PRO A 26 1.07 7.14 -5.72
N ARG A 27 0.94 6.11 -6.50
CA ARG A 27 2.08 5.62 -7.34
C ARG A 27 3.23 5.09 -6.47
N ASN A 28 3.57 3.84 -6.66
CA ASN A 28 4.71 3.22 -5.92
C ASN A 28 4.48 3.14 -4.40
N ILE A 29 3.30 2.81 -3.96
CA ILE A 29 3.09 2.67 -2.47
C ILE A 29 1.90 1.76 -2.19
N CYS A 30 1.52 1.68 -0.95
CA CYS A 30 0.37 0.81 -0.55
C CYS A 30 -0.68 1.62 0.19
N VAL A 31 -1.87 1.70 -0.34
CA VAL A 31 -2.93 2.49 0.35
C VAL A 31 -3.90 1.57 1.09
N TRP A 32 -4.28 1.94 2.29
CA TRP A 32 -5.24 1.11 3.06
C TRP A 32 -6.41 0.71 2.16
N ASP A 33 -6.88 -0.50 2.28
CA ASP A 33 -8.02 -0.95 1.45
C ASP A 33 -9.21 0.00 1.62
N GLY A 34 -10.08 0.06 0.65
CA GLY A 34 -11.26 0.97 0.76
C GLY A 34 -12.54 0.16 0.65
N SER A 35 -12.68 -0.87 1.45
CA SER A 35 -13.91 -1.70 1.39
C SER A 35 -14.97 -1.15 2.36
N VAL A 36 -15.38 0.08 2.17
CA VAL A 36 -16.41 0.66 3.09
C VAL A 36 -17.78 0.67 2.41
N ASP A 1 9.32 -5.50 8.67
CA ASP A 1 8.59 -4.25 9.04
C ASP A 1 7.41 -4.03 8.09
N CYS A 2 6.23 -3.85 8.63
CA CYS A 2 5.04 -3.62 7.75
C CYS A 2 4.94 -2.15 7.36
N VAL A 3 4.07 -1.83 6.44
CA VAL A 3 3.92 -0.42 6.01
C VAL A 3 2.46 0.00 6.16
N ARG A 4 2.20 1.24 6.47
CA ARG A 4 0.80 1.69 6.64
C ARG A 4 0.32 2.51 5.43
N PHE A 5 -0.82 3.13 5.55
CA PHE A 5 -1.37 3.94 4.42
C PHE A 5 -0.27 4.76 3.74
N TRP A 6 -0.20 4.69 2.44
CA TRP A 6 0.82 5.48 1.69
C TRP A 6 2.23 5.05 2.09
N GLY A 7 2.66 3.94 1.57
CA GLY A 7 4.03 3.44 1.86
C GLY A 7 4.64 2.91 0.57
N LYS A 8 5.74 3.48 0.15
CA LYS A 8 6.39 3.04 -1.12
C LYS A 8 6.28 1.51 -1.28
N CYS A 9 5.69 1.08 -2.36
CA CYS A 9 5.52 -0.39 -2.59
C CYS A 9 5.55 -0.68 -4.10
N SER A 10 5.75 -1.92 -4.45
CA SER A 10 5.79 -2.28 -5.90
C SER A 10 4.73 -3.35 -6.20
N GLN A 11 4.66 -4.38 -5.41
CA GLN A 11 3.65 -5.45 -5.64
C GLN A 11 3.02 -5.87 -4.32
N THR A 12 2.25 -6.92 -4.32
CA THR A 12 1.60 -7.38 -3.06
C THR A 12 2.62 -8.13 -2.20
N SER A 13 3.36 -7.42 -1.39
CA SER A 13 4.37 -8.09 -0.53
C SER A 13 5.26 -7.04 0.15
N ASP A 14 4.71 -5.93 0.54
CA ASP A 14 5.52 -4.88 1.21
C ASP A 14 4.79 -4.34 2.44
N CYS A 15 3.67 -3.70 2.25
CA CYS A 15 2.92 -3.15 3.42
C CYS A 15 2.16 -4.28 4.12
N CYS A 16 1.35 -3.96 5.09
CA CYS A 16 0.59 -5.01 5.81
C CYS A 16 -0.63 -5.46 5.01
N PRO A 17 -1.18 -6.59 5.39
CA PRO A 17 -2.37 -7.16 4.70
C PRO A 17 -3.56 -6.21 4.81
N HIS A 18 -3.47 -5.22 5.64
CA HIS A 18 -4.63 -4.29 5.80
C HIS A 18 -4.61 -3.22 4.71
N LEU A 19 -3.72 -3.33 3.77
CA LEU A 19 -3.66 -2.33 2.67
C LEU A 19 -3.33 -3.03 1.35
N ALA A 20 -3.16 -2.27 0.29
CA ALA A 20 -2.84 -2.90 -1.02
C ALA A 20 -1.91 -2.00 -1.83
N CYS A 21 -1.14 -2.55 -2.72
CA CYS A 21 -0.21 -1.70 -3.53
C CYS A 21 -0.96 -1.08 -4.71
N LYS A 22 -1.73 -0.06 -4.45
CA LYS A 22 -2.47 0.60 -5.55
C LYS A 22 -1.64 1.75 -6.13
N SER A 23 -1.71 1.95 -7.42
CA SER A 23 -0.91 3.03 -8.05
C SER A 23 -1.78 3.88 -8.98
N LYS A 24 -2.75 4.57 -8.44
CA LYS A 24 -3.63 5.43 -9.28
C LYS A 24 -3.63 6.84 -8.73
N TRP A 25 -2.58 7.21 -8.03
CA TRP A 25 -2.51 8.58 -7.43
C TRP A 25 -1.33 8.62 -6.44
N PRO A 26 -1.34 7.73 -5.46
CA PRO A 26 -0.25 7.68 -4.46
C PRO A 26 1.11 7.52 -5.15
N ARG A 27 1.12 6.95 -6.32
CA ARG A 27 2.39 6.76 -7.08
C ARG A 27 3.36 5.79 -6.39
N ASN A 28 3.17 4.51 -6.61
CA ASN A 28 4.10 3.47 -6.04
C ASN A 28 4.06 3.36 -4.51
N ILE A 29 2.96 2.90 -3.95
CA ILE A 29 2.90 2.71 -2.47
C ILE A 29 1.77 1.74 -2.12
N CYS A 30 1.51 1.58 -0.86
CA CYS A 30 0.42 0.66 -0.42
C CYS A 30 -0.65 1.45 0.32
N VAL A 31 -1.81 1.62 -0.27
CA VAL A 31 -2.90 2.40 0.40
C VAL A 31 -3.88 1.49 1.12
N TRP A 32 -4.26 1.85 2.31
CA TRP A 32 -5.24 1.03 3.08
C TRP A 32 -6.42 0.65 2.18
N ASP A 33 -6.88 -0.57 2.28
CA ASP A 33 -8.03 -1.00 1.44
C ASP A 33 -9.36 -0.62 2.12
N GLY A 34 -10.44 -1.24 1.73
CA GLY A 34 -11.75 -0.90 2.36
C GLY A 34 -12.25 0.43 1.81
N SER A 35 -11.54 1.03 0.90
CA SER A 35 -11.99 2.33 0.34
C SER A 35 -12.94 2.09 -0.85
N VAL A 36 -14.13 1.64 -0.57
CA VAL A 36 -15.10 1.39 -1.68
C VAL A 36 -16.51 1.22 -1.11
N ASP A 1 9.43 -5.05 7.40
CA ASP A 1 8.27 -4.82 8.30
C ASP A 1 7.08 -4.28 7.50
N CYS A 2 5.89 -4.44 8.02
CA CYS A 2 4.69 -3.93 7.29
C CYS A 2 4.78 -2.42 7.10
N VAL A 3 3.85 -1.85 6.39
CA VAL A 3 3.86 -0.39 6.15
C VAL A 3 2.45 0.16 6.30
N ARG A 4 2.28 1.46 6.33
CA ARG A 4 0.92 2.03 6.51
C ARG A 4 0.45 2.77 5.26
N PHE A 5 -0.66 3.47 5.37
CA PHE A 5 -1.22 4.22 4.22
C PHE A 5 -0.14 5.00 3.46
N TRP A 6 -0.12 4.91 2.16
CA TRP A 6 0.88 5.67 1.35
C TRP A 6 2.30 5.23 1.73
N GLY A 7 2.56 3.96 1.66
CA GLY A 7 3.92 3.46 1.99
C GLY A 7 4.56 2.89 0.72
N LYS A 8 5.68 3.41 0.33
CA LYS A 8 6.36 2.92 -0.91
C LYS A 8 6.21 1.40 -1.02
N CYS A 9 5.68 0.95 -2.13
CA CYS A 9 5.47 -0.51 -2.33
C CYS A 9 5.34 -0.80 -3.83
N SER A 10 6.05 -1.79 -4.32
CA SER A 10 5.95 -2.12 -5.77
C SER A 10 4.79 -3.09 -6.01
N GLN A 11 4.81 -4.22 -5.36
CA GLN A 11 3.71 -5.21 -5.54
C GLN A 11 3.82 -6.32 -4.50
N THR A 12 5.02 -6.70 -4.15
CA THR A 12 5.18 -7.78 -3.13
C THR A 12 4.87 -7.24 -1.73
N SER A 13 3.61 -7.17 -1.39
CA SER A 13 3.24 -6.66 -0.05
C SER A 13 3.89 -5.29 0.21
N ASP A 14 5.08 -5.28 0.74
CA ASP A 14 5.76 -3.98 1.01
C ASP A 14 4.93 -3.16 1.99
N CYS A 15 3.99 -3.78 2.65
CA CYS A 15 3.14 -3.04 3.63
C CYS A 15 2.32 -4.04 4.45
N CYS A 16 1.36 -3.56 5.19
CA CYS A 16 0.52 -4.49 6.02
C CYS A 16 -0.51 -5.19 5.13
N PRO A 17 -0.82 -6.42 5.47
CA PRO A 17 -1.80 -7.21 4.70
C PRO A 17 -3.15 -6.51 4.70
N HIS A 18 -3.33 -5.53 5.54
CA HIS A 18 -4.64 -4.83 5.59
C HIS A 18 -4.65 -3.69 4.58
N LEU A 19 -3.73 -3.69 3.65
CA LEU A 19 -3.68 -2.61 2.63
C LEU A 19 -3.42 -3.20 1.25
N ALA A 20 -3.25 -2.37 0.26
CA ALA A 20 -2.98 -2.89 -1.11
C ALA A 20 -1.96 -1.98 -1.82
N CYS A 21 -1.21 -2.52 -2.74
CA CYS A 21 -0.21 -1.69 -3.45
C CYS A 21 -0.82 -1.05 -4.70
N LYS A 22 -1.09 0.23 -4.64
CA LYS A 22 -1.69 0.93 -5.82
C LYS A 22 -2.00 2.38 -5.45
N SER A 23 -1.16 3.30 -5.85
CA SER A 23 -1.40 4.73 -5.51
C SER A 23 -1.83 5.53 -6.73
N LYS A 24 -2.07 6.80 -6.55
CA LYS A 24 -2.48 7.68 -7.68
C LYS A 24 -1.73 9.02 -7.57
N TRP A 25 -0.52 8.97 -7.10
CA TRP A 25 0.28 10.23 -6.95
C TRP A 25 1.60 9.92 -6.23
N PRO A 26 1.52 9.33 -5.05
CA PRO A 26 2.74 8.96 -4.29
C PRO A 26 3.64 8.08 -5.16
N ARG A 27 3.09 7.53 -6.21
CA ARG A 27 3.88 6.67 -7.13
C ARG A 27 4.40 5.41 -6.43
N ASN A 28 3.72 4.31 -6.62
CA ASN A 28 4.16 3.02 -6.01
C ASN A 28 4.15 3.05 -4.48
N ILE A 29 3.05 2.66 -3.88
CA ILE A 29 2.96 2.59 -2.39
C ILE A 29 1.83 1.66 -1.98
N CYS A 30 1.50 1.62 -0.73
CA CYS A 30 0.40 0.73 -0.28
C CYS A 30 -0.67 1.56 0.45
N VAL A 31 -1.85 1.64 -0.11
CA VAL A 31 -2.93 2.44 0.56
C VAL A 31 -3.86 1.53 1.34
N TRP A 32 -4.38 2.03 2.42
CA TRP A 32 -5.32 1.23 3.25
C TRP A 32 -6.58 0.88 2.43
N ASP A 33 -7.07 -0.32 2.54
CA ASP A 33 -8.28 -0.70 1.76
C ASP A 33 -9.50 0.03 2.32
N GLY A 34 -10.67 -0.57 2.19
CA GLY A 34 -11.90 0.09 2.71
C GLY A 34 -11.88 1.58 2.36
N SER A 35 -11.36 1.91 1.21
CA SER A 35 -11.31 3.35 0.81
C SER A 35 -12.60 3.74 0.10
N VAL A 36 -13.72 3.59 0.73
CA VAL A 36 -15.01 3.95 0.09
C VAL A 36 -15.08 5.46 -0.14
N ASP A 1 8.63 -6.62 6.83
CA ASP A 1 8.24 -5.33 7.47
C ASP A 1 6.98 -4.77 6.81
N CYS A 2 5.97 -4.47 7.59
CA CYS A 2 4.72 -3.92 7.01
C CYS A 2 4.81 -2.39 6.95
N VAL A 3 3.84 -1.76 6.33
CA VAL A 3 3.86 -0.28 6.22
C VAL A 3 2.45 0.26 6.40
N ARG A 4 2.31 1.55 6.58
CA ARG A 4 0.94 2.12 6.78
C ARG A 4 0.43 2.80 5.50
N PHE A 5 -0.73 3.43 5.58
CA PHE A 5 -1.31 4.11 4.40
C PHE A 5 -0.25 4.89 3.63
N TRP A 6 -0.24 4.75 2.32
CA TRP A 6 0.76 5.50 1.50
C TRP A 6 2.18 5.11 1.89
N GLY A 7 2.53 3.88 1.66
CA GLY A 7 3.91 3.42 2.00
C GLY A 7 4.54 2.83 0.74
N LYS A 8 5.67 3.37 0.34
CA LYS A 8 6.35 2.85 -0.88
C LYS A 8 6.21 1.33 -0.96
N CYS A 9 5.67 0.84 -2.04
CA CYS A 9 5.46 -0.63 -2.18
C CYS A 9 5.46 -1.03 -3.65
N SER A 10 5.83 -2.24 -3.95
CA SER A 10 5.85 -2.70 -5.37
C SER A 10 4.70 -3.68 -5.60
N GLN A 11 4.52 -4.61 -4.69
CA GLN A 11 3.42 -5.60 -4.84
C GLN A 11 2.79 -5.89 -3.49
N THR A 12 1.50 -6.09 -3.43
CA THR A 12 0.85 -6.37 -2.12
C THR A 12 1.69 -7.33 -1.29
N SER A 13 2.49 -6.82 -0.40
CA SER A 13 3.34 -7.71 0.44
C SER A 13 4.24 -6.87 1.36
N ASP A 14 4.77 -5.78 0.86
CA ASP A 14 5.65 -4.93 1.71
C ASP A 14 4.83 -4.31 2.84
N CYS A 15 3.91 -3.45 2.51
CA CYS A 15 3.08 -2.80 3.56
C CYS A 15 2.34 -3.86 4.38
N CYS A 16 1.37 -3.46 5.16
CA CYS A 16 0.62 -4.45 5.98
C CYS A 16 -0.43 -5.17 5.12
N PRO A 17 -0.75 -6.38 5.52
CA PRO A 17 -1.76 -7.18 4.78
C PRO A 17 -3.12 -6.49 4.77
N HIS A 18 -3.27 -5.46 5.54
CA HIS A 18 -4.57 -4.75 5.59
C HIS A 18 -4.62 -3.61 4.58
N LEU A 19 -3.72 -3.61 3.63
CA LEU A 19 -3.71 -2.53 2.62
C LEU A 19 -3.47 -3.12 1.22
N ALA A 20 -3.35 -2.27 0.23
CA ALA A 20 -3.11 -2.77 -1.15
C ALA A 20 -2.04 -1.92 -1.83
N CYS A 21 -1.24 -2.50 -2.68
CA CYS A 21 -0.18 -1.71 -3.36
C CYS A 21 -0.76 -0.99 -4.59
N LYS A 22 -1.48 0.07 -4.39
CA LYS A 22 -2.08 0.80 -5.54
C LYS A 22 -2.19 2.30 -5.21
N SER A 23 -1.42 3.12 -5.85
CA SER A 23 -1.49 4.58 -5.56
C SER A 23 -1.89 5.36 -6.81
N LYS A 24 -2.21 6.62 -6.64
CA LYS A 24 -2.58 7.47 -7.80
C LYS A 24 -1.87 8.82 -7.70
N TRP A 25 -0.65 8.79 -7.24
CA TRP A 25 0.13 10.05 -7.08
C TRP A 25 1.46 9.76 -6.35
N PRO A 26 1.37 9.17 -5.17
CA PRO A 26 2.59 8.83 -4.42
C PRO A 26 3.51 7.97 -5.28
N ARG A 27 2.98 7.40 -6.32
CA ARG A 27 3.79 6.55 -7.23
C ARG A 27 4.37 5.33 -6.51
N ASN A 28 3.75 4.20 -6.68
CA ASN A 28 4.24 2.93 -6.07
C ASN A 28 4.20 2.95 -4.53
N ILE A 29 3.08 2.63 -3.95
CA ILE A 29 2.97 2.56 -2.46
C ILE A 29 1.80 1.66 -2.09
N CYS A 30 1.46 1.61 -0.84
CA CYS A 30 0.33 0.75 -0.41
C CYS A 30 -0.75 1.57 0.28
N VAL A 31 -1.89 1.71 -0.34
CA VAL A 31 -2.97 2.51 0.29
C VAL A 31 -3.91 1.60 1.07
N TRP A 32 -4.23 1.98 2.28
CA TRP A 32 -5.15 1.16 3.11
C TRP A 32 -6.37 0.74 2.27
N ASP A 33 -6.94 -0.39 2.57
CA ASP A 33 -8.12 -0.86 1.78
C ASP A 33 -9.38 -0.11 2.24
N GLY A 34 -9.57 1.09 1.75
CA GLY A 34 -10.78 1.87 2.16
C GLY A 34 -11.57 2.25 0.91
N SER A 35 -10.90 2.68 -0.13
CA SER A 35 -11.61 3.06 -1.38
C SER A 35 -11.79 1.84 -2.27
N VAL A 36 -12.66 0.93 -1.89
CA VAL A 36 -12.89 -0.29 -2.72
C VAL A 36 -11.57 -1.04 -2.93
N ASP A 1 8.98 -5.59 8.71
CA ASP A 1 8.62 -4.14 8.73
C ASP A 1 7.41 -3.89 7.83
N CYS A 2 6.24 -3.84 8.41
CA CYS A 2 5.02 -3.59 7.58
C CYS A 2 4.96 -2.13 7.14
N VAL A 3 4.08 -1.83 6.24
CA VAL A 3 3.96 -0.41 5.77
C VAL A 3 2.51 0.06 5.96
N ARG A 4 2.32 1.33 6.19
CA ARG A 4 0.93 1.84 6.41
C ARG A 4 0.43 2.64 5.20
N PHE A 5 -0.68 3.31 5.37
CA PHE A 5 -1.27 4.11 4.25
C PHE A 5 -0.19 4.92 3.52
N TRP A 6 -0.23 4.91 2.21
CA TRP A 6 0.78 5.69 1.43
C TRP A 6 2.19 5.30 1.83
N GLY A 7 2.54 4.07 1.60
CA GLY A 7 3.91 3.61 1.95
C GLY A 7 4.54 2.97 0.72
N LYS A 8 5.66 3.49 0.28
CA LYS A 8 6.33 2.94 -0.94
C LYS A 8 6.21 1.41 -0.95
N CYS A 9 5.66 0.88 -2.02
CA CYS A 9 5.48 -0.60 -2.10
C CYS A 9 5.55 -1.04 -3.57
N SER A 10 6.40 -2.00 -3.87
CA SER A 10 6.50 -2.49 -5.28
C SER A 10 7.16 -3.87 -5.31
N GLN A 11 6.58 -4.83 -4.63
CA GLN A 11 7.17 -6.19 -4.62
C GLN A 11 6.10 -7.23 -4.26
N THR A 12 6.15 -7.81 -3.09
CA THR A 12 5.12 -8.82 -2.71
C THR A 12 4.52 -8.48 -1.34
N SER A 13 3.31 -7.99 -1.33
CA SER A 13 2.67 -7.64 -0.03
C SER A 13 3.63 -6.84 0.84
N ASP A 14 4.32 -5.89 0.27
CA ASP A 14 5.27 -5.07 1.08
C ASP A 14 4.57 -4.54 2.33
N CYS A 15 3.57 -3.71 2.17
CA CYS A 15 2.86 -3.16 3.35
C CYS A 15 2.13 -4.29 4.09
N CYS A 16 1.31 -3.94 5.05
CA CYS A 16 0.57 -5.00 5.80
C CYS A 16 -0.62 -5.50 4.98
N PRO A 17 -1.09 -6.69 5.32
CA PRO A 17 -2.23 -7.30 4.59
C PRO A 17 -3.48 -6.42 4.70
N HIS A 18 -3.46 -5.43 5.54
CA HIS A 18 -4.65 -4.57 5.69
C HIS A 18 -4.61 -3.42 4.67
N LEU A 19 -3.74 -3.51 3.70
CA LEU A 19 -3.64 -2.45 2.68
C LEU A 19 -3.37 -3.06 1.29
N ALA A 20 -3.34 -2.25 0.27
CA ALA A 20 -3.07 -2.76 -1.09
C ALA A 20 -2.04 -1.87 -1.78
N CYS A 21 -1.23 -2.43 -2.64
CA CYS A 21 -0.19 -1.60 -3.34
C CYS A 21 -0.81 -0.86 -4.52
N LYS A 22 -1.11 0.40 -4.33
CA LYS A 22 -1.69 1.20 -5.43
C LYS A 22 -0.66 2.19 -5.95
N SER A 23 -0.73 2.51 -7.21
CA SER A 23 0.24 3.48 -7.80
C SER A 23 -0.44 4.35 -8.85
N LYS A 24 -0.75 5.58 -8.49
CA LYS A 24 -1.41 6.50 -9.46
C LYS A 24 -1.11 7.96 -9.06
N TRP A 25 -0.07 8.15 -8.31
CA TRP A 25 0.32 9.52 -7.86
C TRP A 25 1.38 9.40 -6.75
N PRO A 26 1.07 8.64 -5.71
CA PRO A 26 2.05 8.44 -4.62
C PRO A 26 3.30 7.78 -5.21
N ARG A 27 3.20 7.29 -6.42
CA ARG A 27 4.36 6.63 -7.10
C ARG A 27 4.76 5.33 -6.38
N ASN A 28 3.98 4.30 -6.59
CA ASN A 28 4.29 2.97 -5.97
C ASN A 28 4.22 2.99 -4.44
N ILE A 29 3.10 2.63 -3.89
CA ILE A 29 2.95 2.56 -2.40
C ILE A 29 1.81 1.63 -2.03
N CYS A 30 1.45 1.60 -0.79
CA CYS A 30 0.35 0.71 -0.35
C CYS A 30 -0.71 1.51 0.42
N VAL A 31 -1.86 1.71 -0.16
CA VAL A 31 -2.92 2.49 0.54
C VAL A 31 -3.89 1.55 1.25
N TRP A 32 -4.20 1.84 2.48
CA TRP A 32 -5.15 0.98 3.23
C TRP A 32 -6.32 0.58 2.33
N ASP A 33 -6.82 -0.62 2.47
CA ASP A 33 -7.95 -1.06 1.61
C ASP A 33 -9.29 -0.75 2.29
N GLY A 34 -10.11 0.06 1.66
CA GLY A 34 -11.42 0.40 2.27
C GLY A 34 -12.30 -0.85 2.34
N SER A 35 -12.21 -1.72 1.36
CA SER A 35 -13.04 -2.95 1.38
C SER A 35 -12.27 -4.08 2.08
N VAL A 36 -12.03 -3.95 3.35
CA VAL A 36 -11.28 -5.01 4.08
C VAL A 36 -9.93 -5.27 3.43
N ASP A 1 9.44 -5.51 8.51
CA ASP A 1 8.60 -4.37 8.98
C ASP A 1 7.41 -4.16 8.04
N CYS A 2 6.27 -3.86 8.58
CA CYS A 2 5.07 -3.66 7.72
C CYS A 2 4.95 -2.19 7.30
N VAL A 3 4.09 -1.89 6.38
CA VAL A 3 3.90 -0.48 5.94
C VAL A 3 2.43 -0.09 6.07
N ARG A 4 2.14 1.18 6.04
CA ARG A 4 0.72 1.62 6.18
C ARG A 4 0.30 2.54 5.02
N PHE A 5 -0.78 3.25 5.19
CA PHE A 5 -1.28 4.16 4.13
C PHE A 5 -0.17 4.98 3.49
N TRP A 6 -0.15 5.06 2.19
CA TRP A 6 0.88 5.86 1.47
C TRP A 6 2.29 5.51 1.94
N GLY A 7 2.80 4.43 1.43
CA GLY A 7 4.16 3.97 1.77
C GLY A 7 4.71 3.17 0.59
N LYS A 8 5.79 3.61 0.01
CA LYS A 8 6.37 2.89 -1.17
C LYS A 8 6.19 1.39 -1.00
N CYS A 9 5.52 0.76 -1.92
CA CYS A 9 5.26 -0.70 -1.81
C CYS A 9 5.42 -1.38 -3.17
N SER A 10 5.48 -2.68 -3.19
CA SER A 10 5.63 -3.41 -4.47
C SER A 10 5.01 -4.81 -4.36
N GLN A 11 4.07 -5.12 -5.20
CA GLN A 11 3.43 -6.48 -5.12
C GLN A 11 2.77 -6.68 -3.76
N THR A 12 2.87 -7.85 -3.20
CA THR A 12 2.26 -8.10 -1.87
C THR A 12 3.29 -8.71 -0.92
N SER A 13 3.81 -7.93 -0.02
CA SER A 13 4.83 -8.46 0.94
C SER A 13 5.41 -7.33 1.80
N ASP A 14 5.61 -6.17 1.23
CA ASP A 14 6.17 -5.03 2.01
C ASP A 14 5.14 -4.50 3.00
N CYS A 15 4.09 -3.88 2.52
CA CYS A 15 3.06 -3.33 3.43
C CYS A 15 2.29 -4.45 4.14
N CYS A 16 1.45 -4.12 5.09
CA CYS A 16 0.68 -5.17 5.79
C CYS A 16 -0.51 -5.64 4.94
N PRO A 17 -1.01 -6.81 5.26
CA PRO A 17 -2.16 -7.39 4.52
C PRO A 17 -3.42 -6.53 4.67
N HIS A 18 -3.37 -5.54 5.51
CA HIS A 18 -4.59 -4.70 5.70
C HIS A 18 -4.60 -3.53 4.71
N LEU A 19 -3.81 -3.62 3.67
CA LEU A 19 -3.79 -2.52 2.67
C LEU A 19 -3.64 -3.08 1.25
N ALA A 20 -3.36 -2.23 0.30
CA ALA A 20 -3.17 -2.68 -1.10
C ALA A 20 -1.99 -1.94 -1.71
N CYS A 21 -1.39 -2.48 -2.72
CA CYS A 21 -0.22 -1.80 -3.34
C CYS A 21 -0.64 -1.12 -4.65
N LYS A 22 -1.29 0.01 -4.56
CA LYS A 22 -1.73 0.73 -5.79
C LYS A 22 -1.91 2.22 -5.48
N SER A 23 -1.38 3.08 -6.30
CA SER A 23 -1.53 4.54 -6.03
C SER A 23 -1.64 5.34 -7.32
N LYS A 24 -2.21 6.50 -7.26
CA LYS A 24 -2.36 7.36 -8.47
C LYS A 24 -1.66 8.70 -8.24
N TRP A 25 -0.49 8.67 -7.68
CA TRP A 25 0.26 9.93 -7.41
C TRP A 25 1.49 9.64 -6.53
N PRO A 26 1.30 8.99 -5.41
CA PRO A 26 2.43 8.65 -4.52
C PRO A 26 3.46 7.81 -5.30
N ARG A 27 3.07 7.32 -6.45
CA ARG A 27 3.98 6.50 -7.30
C ARG A 27 4.39 5.19 -6.60
N ASN A 28 3.59 4.17 -6.76
CA ASN A 28 3.92 2.85 -6.16
C ASN A 28 3.97 2.91 -4.63
N ILE A 29 2.86 2.69 -3.98
CA ILE A 29 2.86 2.70 -2.49
C ILE A 29 1.74 1.80 -1.96
N CYS A 30 1.54 1.82 -0.68
CA CYS A 30 0.48 0.97 -0.08
C CYS A 30 -0.65 1.82 0.49
N VAL A 31 -1.83 1.73 -0.06
CA VAL A 31 -2.95 2.54 0.48
C VAL A 31 -3.92 1.63 1.24
N TRP A 32 -4.18 1.95 2.47
CA TRP A 32 -5.12 1.13 3.27
C TRP A 32 -6.33 0.73 2.42
N ASP A 33 -6.84 -0.46 2.61
CA ASP A 33 -8.01 -0.91 1.81
C ASP A 33 -9.30 -0.31 2.37
N GLY A 34 -10.42 -0.88 2.02
CA GLY A 34 -11.72 -0.34 2.53
C GLY A 34 -12.31 0.64 1.51
N SER A 35 -11.51 1.54 1.00
CA SER A 35 -12.02 2.52 0.01
C SER A 35 -11.86 1.97 -1.41
N VAL A 36 -12.61 0.95 -1.75
CA VAL A 36 -12.49 0.39 -3.13
C VAL A 36 -13.21 1.29 -4.15
N ASP A 1 9.10 -5.82 8.47
CA ASP A 1 8.13 -4.82 8.98
C ASP A 1 7.21 -4.34 7.87
N CYS A 2 5.93 -4.22 8.15
CA CYS A 2 4.98 -3.77 7.09
C CYS A 2 4.89 -2.24 7.08
N VAL A 3 4.00 -1.69 6.32
CA VAL A 3 3.89 -0.20 6.25
C VAL A 3 2.43 0.23 6.44
N ARG A 4 2.19 1.50 6.62
CA ARG A 4 0.78 1.96 6.81
C ARG A 4 0.27 2.68 5.56
N PHE A 5 -0.85 3.32 5.65
CA PHE A 5 -1.43 4.04 4.48
C PHE A 5 -0.33 4.82 3.73
N TRP A 6 -0.28 4.68 2.43
CA TRP A 6 0.74 5.42 1.64
C TRP A 6 2.15 5.02 2.05
N GLY A 7 2.53 3.82 1.70
CA GLY A 7 3.89 3.33 2.04
C GLY A 7 4.50 2.68 0.81
N LYS A 8 5.67 3.11 0.40
CA LYS A 8 6.32 2.53 -0.80
C LYS A 8 6.06 1.02 -0.88
N CYS A 9 5.48 0.57 -1.97
CA CYS A 9 5.16 -0.86 -2.11
C CYS A 9 5.20 -1.25 -3.60
N SER A 10 5.59 -2.46 -3.89
CA SER A 10 5.65 -2.90 -5.32
C SER A 10 5.64 -4.43 -5.42
N GLN A 11 6.60 -5.06 -4.80
CA GLN A 11 6.65 -6.55 -4.86
C GLN A 11 7.03 -7.12 -3.49
N THR A 12 7.26 -8.40 -3.41
CA THR A 12 7.63 -9.00 -2.10
C THR A 12 6.53 -8.73 -1.07
N SER A 13 5.35 -8.42 -1.52
CA SER A 13 4.24 -8.14 -0.56
C SER A 13 4.67 -7.05 0.44
N ASP A 14 4.91 -5.85 -0.04
CA ASP A 14 5.33 -4.76 0.89
C ASP A 14 4.14 -4.28 1.71
N CYS A 15 4.32 -3.21 2.45
CA CYS A 15 3.23 -2.65 3.29
C CYS A 15 2.50 -3.75 4.07
N CYS A 16 1.57 -3.37 4.91
CA CYS A 16 0.83 -4.37 5.72
C CYS A 16 -0.28 -5.04 4.90
N PRO A 17 -0.62 -6.25 5.26
CA PRO A 17 -1.69 -7.01 4.55
C PRO A 17 -3.02 -6.29 4.66
N HIS A 18 -3.11 -5.31 5.51
CA HIS A 18 -4.40 -4.60 5.68
C HIS A 18 -4.54 -3.50 4.62
N LEU A 19 -3.61 -3.41 3.71
CA LEU A 19 -3.71 -2.37 2.66
C LEU A 19 -3.51 -3.01 1.28
N ALA A 20 -3.37 -2.19 0.27
CA ALA A 20 -3.16 -2.73 -1.11
C ALA A 20 -2.07 -1.89 -1.80
N CYS A 21 -1.40 -2.46 -2.77
CA CYS A 21 -0.32 -1.69 -3.46
C CYS A 21 -0.90 -0.87 -4.61
N LYS A 22 -1.70 0.12 -4.31
CA LYS A 22 -2.29 0.96 -5.40
C LYS A 22 -2.38 2.42 -4.95
N SER A 23 -1.76 3.33 -5.66
CA SER A 23 -1.83 4.75 -5.26
C SER A 23 -2.59 5.58 -6.30
N LYS A 24 -2.94 6.79 -5.97
CA LYS A 24 -3.67 7.66 -6.94
C LYS A 24 -2.83 8.89 -7.25
N TRP A 25 -1.53 8.74 -7.22
CA TRP A 25 -0.62 9.89 -7.50
C TRP A 25 0.84 9.44 -7.36
N PRO A 26 1.20 8.97 -6.18
CA PRO A 26 2.58 8.49 -5.95
C PRO A 26 2.92 7.40 -6.97
N ARG A 27 2.03 6.47 -7.13
CA ARG A 27 2.25 5.36 -8.11
C ARG A 27 3.44 4.52 -7.67
N ASN A 28 3.46 4.11 -6.42
CA ASN A 28 4.59 3.29 -5.92
C ASN A 28 4.44 3.06 -4.42
N ILE A 29 3.22 2.94 -3.94
CA ILE A 29 3.04 2.71 -2.48
C ILE A 29 1.88 1.76 -2.21
N CYS A 30 1.49 1.65 -0.97
CA CYS A 30 0.37 0.75 -0.60
C CYS A 30 -0.71 1.55 0.14
N VAL A 31 -1.87 1.70 -0.44
CA VAL A 31 -2.95 2.48 0.24
C VAL A 31 -3.91 1.56 0.99
N TRP A 32 -4.19 1.87 2.22
CA TRP A 32 -5.12 1.03 3.03
C TRP A 32 -6.30 0.57 2.16
N ASP A 33 -6.76 -0.64 2.37
CA ASP A 33 -7.90 -1.15 1.55
C ASP A 33 -9.23 -0.89 2.25
N GLY A 34 -10.21 -1.73 2.03
CA GLY A 34 -11.52 -1.55 2.69
C GLY A 34 -12.60 -1.30 1.64
N SER A 35 -12.38 -0.36 0.75
CA SER A 35 -13.39 -0.07 -0.29
C SER A 35 -13.19 -0.99 -1.51
N VAL A 36 -13.47 -2.26 -1.35
CA VAL A 36 -13.28 -3.21 -2.49
C VAL A 36 -14.65 -3.66 -3.02
N ASP A 1 9.14 -5.81 6.61
CA ASP A 1 8.29 -5.14 7.63
C ASP A 1 7.01 -4.60 6.98
N CYS A 2 5.99 -4.37 7.75
CA CYS A 2 4.71 -3.85 7.18
C CYS A 2 4.79 -2.33 7.06
N VAL A 3 3.82 -1.74 6.41
CA VAL A 3 3.81 -0.27 6.24
C VAL A 3 2.37 0.25 6.39
N ARG A 4 2.21 1.53 6.64
CA ARG A 4 0.84 2.08 6.81
C ARG A 4 0.36 2.79 5.54
N PHE A 5 -0.77 3.44 5.61
CA PHE A 5 -1.33 4.16 4.42
C PHE A 5 -0.22 4.92 3.66
N TRP A 6 -0.19 4.78 2.37
CA TRP A 6 0.84 5.51 1.56
C TRP A 6 2.25 5.09 1.98
N GLY A 7 2.64 3.92 1.58
CA GLY A 7 4.00 3.43 1.91
C GLY A 7 4.62 2.84 0.65
N LYS A 8 5.71 3.39 0.20
CA LYS A 8 6.38 2.89 -1.03
C LYS A 8 6.28 1.36 -1.09
N CYS A 9 5.69 0.85 -2.13
CA CYS A 9 5.53 -0.62 -2.25
C CYS A 9 5.56 -1.03 -3.73
N SER A 10 6.06 -2.21 -4.01
CA SER A 10 6.11 -2.67 -5.44
C SER A 10 4.95 -3.63 -5.70
N GLN A 11 5.18 -4.91 -5.61
CA GLN A 11 4.08 -5.89 -5.85
C GLN A 11 3.10 -5.84 -4.68
N THR A 12 2.32 -6.88 -4.49
CA THR A 12 1.35 -6.88 -3.36
C THR A 12 2.08 -7.16 -2.05
N SER A 13 2.70 -6.16 -1.50
CA SER A 13 3.45 -6.35 -0.23
C SER A 13 4.06 -5.02 0.22
N ASP A 14 5.29 -5.03 0.67
CA ASP A 14 5.94 -3.76 1.10
C ASP A 14 5.02 -2.99 2.05
N CYS A 15 4.12 -3.66 2.71
CA CYS A 15 3.20 -2.97 3.66
C CYS A 15 2.37 -4.00 4.44
N CYS A 16 1.41 -3.56 5.21
CA CYS A 16 0.58 -4.52 5.99
C CYS A 16 -0.45 -5.20 5.09
N PRO A 17 -0.79 -6.41 5.43
CA PRO A 17 -1.80 -7.18 4.64
C PRO A 17 -3.15 -6.47 4.67
N HIS A 18 -3.30 -5.48 5.49
CA HIS A 18 -4.60 -4.76 5.56
C HIS A 18 -4.61 -3.60 4.57
N LEU A 19 -3.68 -3.57 3.67
CA LEU A 19 -3.64 -2.46 2.66
C LEU A 19 -3.43 -3.05 1.26
N ALA A 20 -3.25 -2.22 0.27
CA ALA A 20 -3.04 -2.74 -1.11
C ALA A 20 -2.03 -1.88 -1.86
N CYS A 21 -1.22 -2.47 -2.68
CA CYS A 21 -0.20 -1.70 -3.44
C CYS A 21 -0.84 -1.09 -4.69
N LYS A 22 -1.18 0.17 -4.64
CA LYS A 22 -1.81 0.82 -5.83
C LYS A 22 -2.09 2.29 -5.53
N SER A 23 -1.33 3.19 -6.09
CA SER A 23 -1.59 4.64 -5.83
C SER A 23 -1.61 5.43 -7.15
N LYS A 24 -1.76 6.72 -7.05
CA LYS A 24 -1.80 7.56 -8.28
C LYS A 24 -1.16 8.92 -8.00
N TRP A 25 -0.03 8.94 -7.35
CA TRP A 25 0.67 10.22 -7.02
C TRP A 25 1.78 9.95 -6.02
N PRO A 26 1.47 9.30 -4.92
CA PRO A 26 2.52 8.96 -3.94
C PRO A 26 3.61 8.14 -4.65
N ARG A 27 3.28 7.62 -5.81
CA ARG A 27 4.24 6.83 -6.62
C ARG A 27 4.40 5.42 -6.03
N ASN A 28 3.74 4.46 -6.63
CA ASN A 28 3.83 3.05 -6.17
C ASN A 28 3.92 2.95 -4.64
N ILE A 29 2.81 2.70 -3.99
CA ILE A 29 2.82 2.54 -2.51
C ILE A 29 1.68 1.62 -2.08
N CYS A 30 1.46 1.49 -0.81
CA CYS A 30 0.37 0.60 -0.33
C CYS A 30 -0.70 1.42 0.39
N VAL A 31 -1.81 1.68 -0.25
CA VAL A 31 -2.89 2.48 0.41
C VAL A 31 -3.87 1.58 1.16
N TRP A 32 -4.26 1.97 2.32
CA TRP A 32 -5.24 1.15 3.09
C TRP A 32 -6.44 0.79 2.19
N ASP A 33 -6.89 -0.43 2.25
CA ASP A 33 -8.05 -0.82 1.40
C ASP A 33 -9.34 -0.73 2.21
N GLY A 34 -10.23 0.15 1.85
CA GLY A 34 -11.50 0.28 2.62
C GLY A 34 -12.69 -0.10 1.73
N SER A 35 -12.49 -0.98 0.79
CA SER A 35 -13.60 -1.40 -0.09
C SER A 35 -14.34 -2.60 0.52
N VAL A 36 -15.09 -2.38 1.56
CA VAL A 36 -15.82 -3.52 2.19
C VAL A 36 -16.66 -4.26 1.15
N ASP A 1 9.77 -4.72 6.79
CA ASP A 1 8.65 -4.57 7.77
C ASP A 1 7.40 -4.05 7.07
N CYS A 2 6.24 -4.31 7.63
CA CYS A 2 4.98 -3.83 6.99
C CYS A 2 4.96 -2.29 6.96
N VAL A 3 3.95 -1.73 6.37
CA VAL A 3 3.88 -0.24 6.29
C VAL A 3 2.42 0.21 6.49
N ARG A 4 2.20 1.50 6.64
CA ARG A 4 0.81 2.00 6.84
C ARG A 4 0.30 2.71 5.58
N PHE A 5 -0.82 3.36 5.68
CA PHE A 5 -1.40 4.07 4.50
C PHE A 5 -0.31 4.87 3.76
N TRP A 6 -0.25 4.71 2.46
CA TRP A 6 0.75 5.47 1.67
C TRP A 6 2.18 5.10 2.09
N GLY A 7 2.65 3.98 1.63
CA GLY A 7 4.02 3.53 1.96
C GLY A 7 4.61 2.81 0.76
N LYS A 8 5.76 3.24 0.31
CA LYS A 8 6.39 2.61 -0.89
C LYS A 8 6.15 1.10 -0.88
N CYS A 9 5.53 0.59 -1.91
CA CYS A 9 5.22 -0.86 -1.98
C CYS A 9 5.36 -1.35 -3.42
N SER A 10 5.63 -2.62 -3.61
CA SER A 10 5.77 -3.15 -5.00
C SER A 10 5.53 -4.66 -5.00
N GLN A 11 4.29 -5.08 -4.94
CA GLN A 11 4.00 -6.55 -4.96
C GLN A 11 4.68 -7.24 -3.78
N THR A 12 4.79 -8.54 -3.84
CA THR A 12 5.45 -9.29 -2.73
C THR A 12 4.73 -9.02 -1.41
N SER A 13 5.23 -8.13 -0.60
CA SER A 13 4.55 -7.83 0.70
C SER A 13 5.34 -6.75 1.46
N ASP A 14 5.31 -5.55 0.99
CA ASP A 14 6.05 -4.45 1.67
C ASP A 14 5.21 -3.85 2.79
N CYS A 15 4.03 -3.37 2.48
CA CYS A 15 3.16 -2.76 3.52
C CYS A 15 2.45 -3.85 4.33
N CYS A 16 1.51 -3.47 5.14
CA CYS A 16 0.77 -4.48 5.96
C CYS A 16 -0.31 -5.17 5.11
N PRO A 17 -0.72 -6.34 5.55
CA PRO A 17 -1.76 -7.11 4.82
C PRO A 17 -3.10 -6.36 4.84
N HIS A 18 -3.18 -5.29 5.56
CA HIS A 18 -4.46 -4.54 5.63
C HIS A 18 -4.49 -3.41 4.58
N LEU A 19 -3.66 -3.50 3.58
CA LEU A 19 -3.65 -2.44 2.54
C LEU A 19 -3.43 -3.04 1.14
N ALA A 20 -3.32 -2.22 0.14
CA ALA A 20 -3.11 -2.73 -1.24
C ALA A 20 -2.07 -1.88 -1.96
N CYS A 21 -1.38 -2.43 -2.92
CA CYS A 21 -0.35 -1.65 -3.65
C CYS A 21 -0.96 -0.98 -4.89
N LYS A 22 -1.49 0.19 -4.75
CA LYS A 22 -2.11 0.89 -5.92
C LYS A 22 -2.02 2.41 -5.72
N SER A 23 -1.43 3.11 -6.65
CA SER A 23 -1.32 4.59 -6.49
C SER A 23 -1.07 5.27 -7.84
N LYS A 24 -1.33 6.55 -7.90
CA LYS A 24 -1.11 7.32 -9.17
C LYS A 24 -0.63 8.72 -8.80
N TRP A 25 0.42 8.80 -8.02
CA TRP A 25 0.97 10.10 -7.57
C TRP A 25 1.89 9.87 -6.37
N PRO A 26 1.43 9.12 -5.39
CA PRO A 26 2.26 8.82 -4.21
C PRO A 26 3.50 8.02 -4.65
N ARG A 27 3.52 7.61 -5.90
CA ARG A 27 4.68 6.84 -6.44
C ARG A 27 4.75 5.43 -5.86
N ASN A 28 4.03 4.53 -6.48
CA ASN A 28 4.03 3.11 -6.04
C ASN A 28 4.08 2.94 -4.52
N ILE A 29 2.95 2.88 -3.88
CA ILE A 29 2.91 2.67 -2.40
C ILE A 29 1.75 1.75 -2.05
N CYS A 30 1.46 1.61 -0.79
CA CYS A 30 0.34 0.72 -0.39
C CYS A 30 -0.77 1.54 0.28
N VAL A 31 -1.87 1.73 -0.38
CA VAL A 31 -2.98 2.52 0.24
C VAL A 31 -3.95 1.59 0.94
N TRP A 32 -4.31 1.91 2.16
CA TRP A 32 -5.26 1.07 2.92
C TRP A 32 -6.37 0.55 1.98
N ASP A 33 -6.77 -0.69 2.13
CA ASP A 33 -7.83 -1.23 1.25
C ASP A 33 -9.15 -0.48 1.48
N GLY A 34 -10.13 -0.74 0.66
CA GLY A 34 -11.44 -0.04 0.83
C GLY A 34 -12.56 -1.06 0.71
N SER A 35 -12.51 -2.11 1.47
CA SER A 35 -13.58 -3.14 1.40
C SER A 35 -14.75 -2.74 2.30
N VAL A 36 -15.47 -1.72 1.91
CA VAL A 36 -16.64 -1.27 2.74
C VAL A 36 -17.95 -1.69 2.08
#